data_5GZR
#
_entry.id   5GZR
#
loop_
_entity.id
_entity.type
_entity.pdbx_description
1 polymer 'structural protein E'
2 polymer 'strutural protein M'
3 polymer 'Z23 Fab heavy chain'
4 polymer 'Z23 Fab light chain'
#
loop_
_entity_poly.entity_id
_entity_poly.type
_entity_poly.pdbx_seq_one_letter_code
_entity_poly.pdbx_strand_id
1 'polypeptide(L)'
;IRCIGVSNRDFVEGMSGGTWVDVVLEHGGCVTVMAQDKPTVDIELVTTTVSNMAEVRSYCYEASISDMASDSRCPTQGEA
YLDKQSDTQYVCKRTLVDRGWGNGCGLFGKGSLVTCAKFACSKKMTGKSIQPENLEYRIMLSVHGSQHSGMIVNDTGHET
DENRAKVEITPNSPRAEATLGGFGSLGLDCEPRTGLDFSDLYYLTMNNKHWLVHKEWFHDIPLPWHAGADTGTPHWNNKE
ALVEFKDAHAKRQTVVVLGSQEGAVHTALAGALEAEMDGAKGRLSSGHLKCRLKMDKLRLKGVSYSLCTAAFTFTKIPAE
TLHGTVTVEVQYAGTDGPCKVPAQMAVDMQTLTPVGRLITANPVITESTENSKMMLELDPPFGDSYIVIGVGEKKITHHW
HRSGSTIGKAFEATVRGAKRMAVLGDTAWDFGSVGGALNSLGKGIHQIFGAAFKSLFGGMSWFSQILIGTLLMWLGLNTK
NGSISLMCLALGGVLIFLSTAVSA
;
A,B,C
2 'polypeptide(L)' AVTLPSHSTRKLQTRSQTWLESREYTKHLIRVENWIFRNPGFALAAAAIAWLLGSSTSQKVIYLVMILLIAPAYS D,E,F
3 'polypeptide(L)'
;QVQLVQSGAEVKKPGASVKVSCKASGYTFTGYYMHWVRQAPGQGLEWMGRINPNSGGTNYAQKFEGRVTMTRDTSISTAY
MELSRLRSDDTAVYYCARTGIAAAGFVFDYWGQGTLVTVSSASTKGPSVFPLAPSSKSTSGGTAALGCLVKDYFPEPVTV
SWNSGALTSGVHTFPAVLQSSGLYSLSSVVTVPSSSLGTQTYICNVNHKPSNTKVDKRVEP
;
H,M
4 'polypeptide(L)'
;DIVMTQSPATLSVSPGERATLSCRASQSVISNLAWYQQKPGQAPRLLIYGASTRATGIPARFSGSGSGTEFTLTISSLQS
EDFAVYYCQQYNNWWTFGQGTKVEIKRTVAAPSVFIFPPSDEQLKSGTASVVCLLNNFYPREAKVQWKVDNALQSGNSQE
SVTEQDSKDSTYSLSSTLTLSKADYEKHKVYACEVTHQGLSSPVTKSFNRGECS
;
L,N
#
# COMPACT_ATOMS: atom_id res chain seq x y z
CA ILE A 1 -54.65 -55.53 -41.89
CA ARG A 2 -52.44 -52.49 -41.18
CA CYS A 3 -50.45 -54.62 -38.78
CA ILE A 4 -50.40 -58.03 -40.30
CA GLY A 5 -47.23 -58.75 -38.34
CA VAL A 6 -45.31 -56.38 -36.18
CA SER A 7 -43.41 -57.51 -33.07
CA ASN A 8 -45.89 -56.69 -30.30
CA ARG A 9 -49.24 -56.46 -32.11
CA ASP A 10 -51.85 -57.52 -29.57
CA PHE A 11 -55.55 -58.09 -29.76
CA VAL A 12 -58.62 -57.21 -27.73
CA GLU A 13 -61.48 -59.41 -29.10
CA GLY A 14 -62.81 -58.60 -25.66
CA MET A 15 -64.15 -55.09 -26.08
CA SER A 16 -66.19 -56.18 -23.03
CA GLY A 17 -67.90 -52.87 -22.63
CA GLY A 18 -71.05 -51.11 -23.71
CA THR A 19 -68.92 -50.22 -26.74
CA TRP A 20 -66.28 -48.87 -24.46
CA VAL A 21 -62.79 -50.39 -24.43
CA ASP A 22 -59.41 -48.77 -23.84
CA VAL A 23 -55.78 -49.35 -25.01
CA VAL A 24 -52.26 -47.98 -25.09
CA LEU A 25 -51.34 -47.59 -28.76
CA GLU A 26 -47.56 -46.90 -28.63
CA HIS A 27 -44.95 -46.07 -31.20
CA GLY A 28 -43.96 -49.69 -30.71
CA GLY A 29 -46.14 -51.74 -33.03
CA CYS A 30 -49.94 -51.81 -32.93
CA VAL A 31 -53.18 -53.26 -31.79
CA THR A 32 -56.12 -54.88 -33.53
CA VAL A 33 -59.50 -54.89 -31.88
CA MET A 34 -62.70 -56.68 -32.87
CA ALA A 35 -65.87 -56.71 -30.79
CA GLN A 36 -68.40 -59.54 -30.90
CA ASP A 37 -69.81 -58.14 -34.11
CA LYS A 38 -67.81 -55.07 -35.11
CA PRO A 39 -65.44 -55.02 -38.14
CA THR A 40 -61.90 -55.52 -36.98
CA VAL A 41 -59.50 -52.59 -36.84
CA ASP A 42 -55.82 -51.82 -36.58
CA ILE A 43 -54.80 -48.58 -34.75
CA GLU A 44 -51.20 -47.46 -34.22
CA LEU A 45 -49.34 -44.53 -32.76
CA VAL A 46 -47.70 -43.88 -36.10
CA THR A 47 -46.04 -40.56 -35.19
CA THR A 48 -46.06 -37.63 -32.79
CA THR A 49 -44.85 -34.15 -33.31
CA VAL A 50 -44.02 -31.40 -30.79
CA SER A 51 -44.53 -28.03 -32.44
CA ASN A 52 -43.29 -24.95 -30.66
CA MET A 53 -40.40 -25.31 -28.36
CA ALA A 54 -38.88 -22.39 -26.44
CA GLU A 55 -35.12 -22.94 -26.13
CA VAL A 56 -33.95 -22.66 -22.53
CA ARG A 57 -30.19 -23.01 -22.70
CA SER A 58 -27.69 -23.22 -25.44
CA TYR A 59 -24.87 -25.31 -24.03
CA CYS A 60 -21.56 -24.95 -25.77
CA TYR A 61 -19.36 -28.04 -26.23
CA GLU A 62 -16.51 -26.47 -28.24
CA ALA A 63 -14.63 -23.57 -26.85
CA SER A 64 -12.12 -21.57 -28.77
CA ILE A 65 -9.73 -19.17 -27.00
CA SER A 66 -7.60 -16.21 -28.12
CA ASP A 67 -6.26 -12.84 -26.92
CA MET A 68 -4.21 -14.75 -24.36
CA ALA A 69 -2.96 -11.98 -22.13
CA SER A 70 -1.77 -11.76 -18.50
CA ASP A 71 -0.29 -9.57 -15.75
CA SER A 72 1.75 -10.00 -12.57
CA ARG A 73 2.32 -8.19 -9.31
CA CYS A 74 5.16 -8.20 -6.82
CA PRO A 75 4.25 -9.67 -3.38
CA THR A 76 3.86 -6.10 -2.19
CA GLN A 77 1.53 -4.38 -4.72
CA GLY A 78 -1.53 -6.39 -3.69
CA GLU A 79 -3.66 -7.76 -6.54
CA ALA A 80 -3.30 -7.89 -10.25
CA TYR A 81 -5.57 -6.26 -12.70
CA LEU A 82 -6.06 -6.71 -16.40
CA ASP A 83 -8.58 -4.65 -18.38
CA LYS A 84 -10.03 -7.70 -20.04
CA GLN A 85 -11.31 -8.43 -16.52
CA SER A 86 -14.02 -5.87 -17.32
CA ASP A 87 -14.84 -7.73 -20.55
CA THR A 88 -17.13 -10.55 -19.47
CA GLN A 89 -16.24 -12.13 -22.80
CA TYR A 90 -12.82 -13.07 -21.39
CA VAL A 91 -12.07 -15.68 -18.81
CA CYS A 92 -9.35 -15.39 -16.19
CA LYS A 93 -7.89 -16.86 -13.05
CA ARG A 94 -5.76 -14.73 -10.76
CA THR A 95 -3.07 -16.68 -8.93
CA LEU A 96 0.15 -16.08 -7.11
CA VAL A 97 3.21 -17.04 -9.21
CA ASP A 98 6.75 -16.35 -8.14
CA ARG A 99 9.16 -13.50 -8.45
CA GLY A 100 11.70 -11.08 -7.14
CA TRP A 101 15.23 -10.13 -8.00
CA GLY A 102 15.26 -11.66 -11.40
CA ASN A 103 11.78 -10.70 -12.36
CA GLY A 104 10.28 -7.58 -10.95
CA CYS A 105 10.71 -5.47 -7.82
CA GLY A 106 13.14 -7.67 -6.01
CA LEU A 107 11.27 -8.06 -2.74
CA PHE A 108 11.07 -11.88 -2.75
CA GLY A 109 8.05 -13.99 -2.38
CA LYS A 110 5.07 -15.35 -4.21
CA GLY A 111 3.36 -12.21 -5.49
CA SER A 112 0.09 -12.27 -7.52
CA LEU A 113 -0.73 -12.74 -11.18
CA VAL A 114 -3.72 -13.13 -13.51
CA THR A 115 -4.24 -14.07 -17.11
CA CYS A 116 -7.21 -13.48 -19.42
CA ALA A 117 -8.07 -15.49 -22.47
CA LYS A 118 -10.91 -14.50 -24.78
CA PHE A 119 -13.84 -16.80 -25.44
CA ALA A 120 -16.21 -17.98 -28.13
CA CYS A 121 -18.12 -21.06 -29.17
CA SER A 122 -17.45 -23.04 -32.33
CA LYS A 123 -20.44 -25.37 -31.89
CA LYS A 124 -23.25 -25.05 -29.46
CA MET A 125 -26.10 -27.26 -28.54
CA THR A 126 -29.44 -25.73 -27.75
CA GLY A 127 -32.04 -27.56 -25.76
CA LYS A 128 -35.56 -26.60 -26.71
CA SER A 129 -38.44 -26.97 -24.27
CA ILE A 130 -41.48 -29.20 -24.55
CA GLN A 131 -44.71 -28.22 -22.87
CA PRO A 132 -47.70 -30.68 -22.71
CA GLU A 133 -49.21 -28.67 -25.55
CA ASN A 134 -48.14 -28.51 -29.17
CA LEU A 135 -47.91 -32.31 -29.57
CA GLU A 136 -50.30 -33.53 -32.23
CA TYR A 137 -50.21 -37.33 -32.10
CA ARG A 138 -50.87 -39.29 -35.31
CA ILE A 139 -52.81 -42.54 -35.29
CA MET A 140 -53.52 -44.78 -38.24
CA LEU A 141 -56.67 -46.80 -38.72
CA SER A 142 -56.79 -49.81 -41.02
CA VAL A 143 -59.87 -52.05 -40.83
CA HIS A 144 -59.96 -55.57 -42.27
CA GLY A 145 -62.13 -57.37 -44.81
CA SER A 146 -61.73 -55.63 -48.15
CA GLN A 147 -57.91 -55.33 -48.15
CA HIS A 148 -55.45 -56.91 -50.60
CA SER A 149 -51.80 -57.55 -51.38
CA GLY A 150 -50.63 -55.92 -48.19
CA MET A 151 -51.86 -52.67 -49.74
CA ILE A 152 -51.49 -52.08 -46.01
CA VAL A 153 -48.10 -50.38 -45.52
CA ASN A 154 -48.74 -48.34 -48.65
CA ASP A 155 -49.84 -45.22 -46.89
CA THR A 156 -51.57 -43.34 -49.63
CA GLY A 157 -54.93 -41.64 -49.83
CA HIS A 158 -54.97 -42.78 -46.29
CA GLU A 159 -57.85 -40.41 -46.47
CA THR A 160 -60.10 -41.19 -49.48
CA ASP A 161 -60.30 -44.93 -48.78
CA GLU A 162 -62.65 -45.55 -45.88
CA ASN A 163 -60.54 -48.62 -45.17
CA ARG A 164 -57.94 -46.27 -43.75
CA ALA A 165 -58.28 -43.33 -41.33
CA LYS A 166 -55.98 -40.43 -40.33
CA VAL A 167 -56.57 -39.36 -36.79
CA GLU A 168 -54.60 -36.57 -35.23
CA ILE A 169 -55.28 -35.84 -31.60
CA THR A 170 -53.98 -32.76 -29.84
CA PRO A 171 -54.16 -32.52 -26.05
CA ASN A 172 -56.73 -29.79 -26.43
CA SER A 173 -58.91 -32.18 -28.55
CA PRO A 174 -58.58 -35.91 -27.62
CA ARG A 175 -62.08 -36.84 -28.66
CA ALA A 176 -61.38 -37.43 -32.29
CA GLU A 177 -63.16 -39.85 -34.56
CA ALA A 178 -62.65 -41.99 -37.65
CA THR A 179 -64.79 -41.64 -40.78
CA LEU A 180 -64.97 -45.08 -42.33
CA GLY A 181 -67.86 -44.84 -44.79
CA GLY A 182 -69.23 -48.38 -45.06
CA PHE A 183 -67.70 -49.61 -41.79
CA GLY A 184 -69.25 -46.65 -40.02
CA SER A 185 -67.15 -44.41 -37.76
CA LEU A 186 -64.78 -44.99 -34.81
CA GLY A 187 -65.10 -42.96 -31.63
CA LEU A 188 -61.74 -42.28 -29.95
CA ASP A 189 -60.68 -39.83 -27.18
CA CYS A 190 -57.15 -40.11 -25.84
CA GLU A 191 -54.64 -38.79 -23.25
CA PRO A 192 -52.31 -36.41 -25.09
CA ARG A 193 -51.37 -34.98 -21.68
CA THR A 194 -50.35 -38.31 -20.16
CA GLY A 195 -48.59 -40.04 -23.07
CA LEU A 196 -44.77 -39.93 -22.80
CA ASP A 197 -43.55 -37.67 -20.02
CA PHE A 198 -43.32 -34.54 -22.21
CA SER A 199 -43.20 -32.41 -19.16
CA ASP A 200 -39.46 -32.66 -18.16
CA LEU A 201 -38.24 -33.55 -21.66
CA TYR A 202 -36.06 -31.05 -23.41
CA TYR A 203 -35.04 -31.19 -26.97
CA LEU A 204 -31.36 -30.83 -27.98
CA THR A 205 -29.26 -30.70 -31.06
CA MET A 206 -25.53 -31.07 -31.71
CA ASN A 207 -24.89 -30.67 -35.39
CA ASN A 208 -28.25 -32.02 -36.48
CA LYS A 209 -29.07 -35.29 -34.78
CA HIS A 210 -31.90 -34.58 -32.35
CA TRP A 211 -32.56 -36.12 -28.93
CA LEU A 212 -34.95 -36.33 -26.05
CA VAL A 213 -33.47 -35.78 -22.66
CA HIS A 214 -34.65 -35.64 -19.09
CA LYS A 215 -34.44 -32.15 -17.48
CA GLU A 216 -31.99 -33.08 -14.71
CA TRP A 217 -29.41 -34.24 -17.14
CA PHE A 218 -29.95 -31.13 -19.18
CA HIS A 219 -29.23 -28.70 -16.32
CA ASP A 220 -26.25 -30.61 -14.82
CA ILE A 221 -23.68 -30.16 -17.52
CA PRO A 222 -20.57 -28.06 -16.75
CA LEU A 223 -20.42 -26.84 -20.31
CA PRO A 224 -20.37 -23.04 -20.80
CA TRP A 225 -23.92 -21.98 -21.42
CA HIS A 226 -26.09 -19.22 -22.66
CA ALA A 227 -29.71 -19.19 -21.42
CA GLY A 228 -32.79 -17.99 -23.25
CA ALA A 229 -31.96 -16.47 -26.61
CA ASP A 230 -29.62 -13.67 -27.51
CA THR A 231 -27.91 -12.74 -30.80
CA GLY A 232 -24.78 -10.97 -29.47
CA THR A 233 -21.91 -13.08 -28.13
CA PRO A 234 -24.13 -15.21 -25.94
CA HIS A 235 -22.79 -13.90 -22.64
CA TRP A 236 -21.41 -17.31 -21.67
CA ASN A 237 -21.72 -18.80 -18.19
CA ASN A 238 -19.03 -21.07 -16.70
CA LYS A 239 -16.84 -19.73 -19.48
CA GLU A 240 -14.24 -21.65 -17.45
CA ALA A 241 -15.45 -25.30 -17.16
CA LEU A 242 -14.07 -25.71 -20.69
CA VAL A 243 -10.90 -23.72 -20.31
CA GLU A 244 -7.76 -24.61 -18.45
CA PHE A 245 -5.14 -22.54 -16.59
CA LYS A 246 -1.81 -24.26 -16.58
CA ASP A 247 0.25 -23.63 -13.50
CA ALA A 248 3.85 -23.23 -14.55
CA HIS A 249 6.26 -24.87 -12.09
CA ALA A 250 7.08 -21.25 -11.13
CA LYS A 251 6.41 -18.06 -13.01
CA ARG A 252 3.61 -18.55 -15.54
CA GLN A 253 -0.03 -19.51 -15.60
CA THR A 254 -1.12 -20.10 -19.23
CA VAL A 255 -4.55 -21.12 -20.56
CA VAL A 256 -5.35 -24.24 -22.55
CA VAL A 257 -8.84 -24.39 -24.05
CA LEU A 258 -10.17 -27.93 -23.55
CA GLY A 259 -11.00 -29.77 -26.76
CA SER A 260 -14.41 -30.35 -28.44
CA GLN A 261 -16.75 -32.07 -26.00
CA GLU A 262 -18.91 -33.47 -28.79
CA GLY A 263 -18.41 -37.24 -28.41
CA ALA A 264 -18.18 -36.60 -24.66
CA VAL A 265 -21.84 -35.57 -24.60
CA HIS A 266 -22.66 -37.72 -27.63
CA THR A 267 -21.91 -40.48 -25.11
CA ALA A 268 -23.29 -38.97 -21.90
CA LEU A 269 -26.68 -39.04 -23.63
CA ALA A 270 -26.59 -42.83 -23.44
CA GLY A 271 -29.97 -43.51 -21.80
CA ALA A 272 -31.80 -40.91 -23.83
CA LEU A 273 -34.05 -41.16 -26.83
CA GLU A 274 -33.49 -40.46 -30.46
CA ALA A 275 -35.68 -37.92 -32.16
CA GLU A 276 -35.86 -36.59 -35.65
CA MET A 277 -36.75 -33.10 -36.79
CA ASP A 278 -39.10 -32.14 -39.66
CA GLY A 279 -39.32 -28.41 -40.39
CA ALA A 280 -39.71 -26.78 -37.02
CA LYS A 281 -42.00 -29.58 -35.80
CA GLY A 282 -40.18 -31.88 -33.34
CA ARG A 283 -41.09 -35.22 -34.83
CA LEU A 284 -40.16 -38.14 -32.69
CA SER A 285 -40.67 -41.88 -32.30
CA SER A 286 -40.96 -44.19 -29.29
CA GLY A 287 -43.94 -42.45 -27.69
CA HIS A 288 -46.89 -44.26 -26.18
CA LEU A 289 -50.51 -43.02 -25.89
CA LYS A 290 -53.68 -44.03 -24.04
CA CYS A 291 -57.27 -44.02 -25.28
CA ARG A 292 -60.93 -45.13 -25.04
CA LEU A 293 -61.96 -46.27 -28.48
CA LYS A 294 -65.71 -46.60 -28.46
CA MET A 295 -66.94 -49.54 -30.58
CA ASP A 296 -70.22 -47.90 -31.48
CA LYS A 297 -70.99 -46.33 -34.81
CA LEU A 298 -68.93 -49.15 -36.29
CA ARG A 299 -70.74 -51.62 -38.56
CA LEU A 300 -69.88 -54.65 -40.68
CA LYS A 301 -69.86 -53.07 -44.11
CA GLY A 302 -71.86 -55.98 -45.29
CA VAL A 303 -74.27 -58.09 -43.39
CA SER A 304 -76.48 -58.18 -46.43
CA TYR A 305 -74.05 -59.67 -48.93
CA SER A 306 -74.87 -62.71 -51.06
CA LEU A 307 -71.93 -65.16 -50.83
CA CYS A 308 -69.40 -64.93 -53.65
CA THR A 309 -70.06 -67.55 -56.25
CA ALA A 310 -66.91 -69.52 -57.10
CA ALA A 311 -63.24 -68.32 -57.26
CA PHE A 312 -61.08 -68.83 -54.18
CA THR A 313 -57.78 -68.58 -56.12
CA PHE A 314 -55.19 -67.28 -53.70
CA THR A 315 -52.07 -65.81 -55.31
CA LYS A 316 -49.99 -66.39 -52.18
CA ILE A 317 -49.12 -69.48 -50.26
CA PRO A 318 -50.94 -68.59 -47.00
CA ALA A 319 -47.96 -67.65 -44.91
CA GLU A 320 -48.32 -67.25 -41.13
CA THR A 321 -47.62 -64.30 -38.81
CA LEU A 322 -46.00 -64.53 -35.40
CA HIS A 323 -48.33 -64.89 -32.38
CA GLY A 324 -50.31 -67.47 -34.45
CA THR A 325 -52.35 -65.81 -37.16
CA VAL A 326 -52.46 -67.30 -40.62
CA THR A 327 -52.87 -64.72 -43.35
CA VAL A 328 -54.43 -65.61 -46.63
CA GLU A 329 -54.40 -63.68 -49.84
CA VAL A 330 -57.34 -64.88 -51.84
CA GLN A 331 -58.15 -63.52 -55.27
CA TYR A 332 -61.67 -63.97 -56.60
CA ALA A 333 -60.99 -64.19 -60.31
CA GLY A 334 -64.35 -65.87 -60.89
CA THR A 335 -66.78 -63.70 -58.87
CA ASP A 336 -69.23 -60.71 -58.95
CA GLY A 337 -70.39 -57.59 -57.18
CA PRO A 338 -69.42 -56.76 -53.61
CA CYS A 339 -70.42 -60.13 -52.22
CA LYS A 340 -69.25 -61.87 -48.95
CA VAL A 341 -66.11 -63.90 -49.33
CA PRO A 342 -67.39 -67.29 -48.13
CA ALA A 343 -64.37 -67.94 -45.86
CA GLN A 344 -64.24 -70.12 -42.74
CA MET A 345 -62.03 -72.42 -40.68
CA ALA A 346 -62.45 -76.20 -40.60
CA VAL A 347 -60.86 -78.68 -38.14
CA ASP A 348 -61.95 -81.57 -40.36
CA MET A 349 -63.45 -80.16 -43.65
CA GLN A 350 -65.00 -83.66 -43.80
CA THR A 351 -68.25 -81.80 -42.97
CA LEU A 352 -67.59 -78.08 -42.54
CA THR A 353 -67.26 -77.49 -38.74
CA PRO A 354 -65.34 -74.33 -37.95
CA VAL A 355 -63.12 -73.94 -34.95
CA GLY A 356 -61.10 -70.94 -36.08
CA ARG A 357 -62.38 -67.39 -35.35
CA LEU A 358 -60.69 -65.38 -38.10
CA ILE A 359 -60.79 -61.78 -36.73
CA THR A 360 -61.06 -60.30 -40.27
CA ALA A 361 -64.65 -61.24 -39.48
CA ASN A 362 -67.07 -60.71 -42.37
CA PRO A 363 -64.47 -60.68 -45.20
CA VAL A 364 -65.79 -58.96 -48.29
CA ILE A 365 -64.84 -58.32 -51.88
CA THR A 366 -65.82 -55.20 -53.78
CA GLU A 367 -66.08 -54.21 -57.52
CA SER A 368 -65.35 -57.89 -57.61
CA THR A 369 -65.73 -59.27 -61.17
CA GLU A 370 -62.35 -60.88 -61.84
CA ASN A 371 -58.91 -59.63 -60.82
CA SER A 372 -60.39 -59.04 -57.43
CA LYS A 373 -57.94 -59.82 -54.64
CA MET A 374 -58.14 -59.48 -50.85
CA MET A 375 -56.49 -60.61 -47.59
CA LEU A 376 -57.79 -62.03 -44.37
CA GLU A 377 -56.57 -63.28 -41.00
CA LEU A 378 -57.30 -66.51 -39.14
CA ASP A 379 -56.73 -67.97 -35.60
CA PRO A 380 -55.90 -71.56 -36.51
CA PRO A 381 -56.80 -74.11 -33.79
CA PHE A 382 -54.10 -76.32 -32.16
CA GLY A 383 -52.77 -79.17 -34.27
CA ASP A 384 -54.18 -79.58 -37.80
CA SER A 385 -56.90 -77.74 -39.82
CA TYR A 386 -57.78 -76.62 -43.34
CA ILE A 387 -58.33 -73.00 -44.28
CA VAL A 388 -61.24 -72.81 -46.75
CA ILE A 389 -63.91 -71.11 -48.84
CA GLY A 390 -67.55 -72.03 -48.13
CA VAL A 391 -68.93 -73.64 -51.22
CA GLY A 392 -67.44 -74.70 -54.46
CA GLU A 393 -66.63 -77.79 -56.43
CA LYS A 394 -63.70 -75.37 -56.52
CA LYS A 395 -63.76 -74.88 -52.76
CA ILE A 396 -60.04 -74.35 -51.90
CA THR A 397 -58.85 -76.15 -48.76
CA HIS A 398 -55.20 -75.41 -48.02
CA HIS A 399 -54.31 -77.78 -45.18
CA TRP A 400 -52.84 -75.93 -42.21
CA HIS A 401 -50.91 -76.89 -39.12
CA ARG A 402 -50.69 -74.78 -35.97
CA SER A 403 -47.38 -75.17 -34.11
CA GLY A 404 -46.61 -74.62 -30.42
CA SER A 405 -48.73 -75.54 -27.38
CA THR A 406 -52.44 -74.81 -26.65
CA ILE A 407 -51.76 -73.64 -23.09
CA GLY A 408 -48.19 -73.10 -24.15
CA LYS A 409 -48.80 -69.74 -25.85
CA ALA A 410 -50.30 -68.75 -22.49
CA PHE A 411 -46.84 -68.60 -20.96
CA GLU A 412 -46.39 -65.88 -23.60
CA ALA A 413 -48.91 -63.23 -22.53
CA THR A 414 -47.39 -63.56 -19.01
CA VAL A 415 -43.90 -62.56 -20.23
CA ARG A 416 -45.37 -60.15 -22.83
CA GLY A 417 -48.09 -58.80 -20.56
CA ALA A 418 -44.84 -58.18 -18.72
CA LYS A 419 -43.14 -56.11 -21.43
CA ARG A 420 -46.29 -53.92 -21.51
CA MET A 421 -45.75 -54.07 -17.70
CA ALA A 422 -42.12 -53.00 -17.32
CA VAL A 423 -42.44 -50.28 -20.04
CA LEU A 424 -45.60 -48.09 -19.77
CA GLY A 425 -44.99 -48.87 -16.11
CA ASP A 426 -48.47 -48.74 -14.50
CA THR A 427 -50.39 -47.31 -17.46
CA ALA A 428 -50.08 -51.02 -18.13
CA TRP A 429 -53.58 -51.82 -16.92
CA ASP A 430 -55.06 -49.64 -19.54
CA PHE A 431 -54.82 -52.25 -22.14
CA GLY A 432 -58.07 -53.38 -23.69
CA SER A 433 -60.61 -53.66 -20.88
CA VAL A 434 -63.29 -51.89 -18.96
CA GLY A 435 -62.33 -52.34 -15.34
CA GLY A 436 -63.89 -52.49 -11.94
CA ALA A 437 -62.25 -54.45 -9.17
CA LEU A 438 -59.13 -56.44 -9.95
CA ASN A 439 -58.67 -53.93 -12.79
CA SER A 440 -59.43 -50.60 -11.22
CA LEU A 441 -57.41 -51.68 -8.21
CA GLY A 442 -54.54 -53.26 -10.13
CA LYS A 443 -53.65 -49.64 -10.80
CA GLY A 444 -54.52 -48.58 -7.28
CA ILE A 445 -51.87 -50.98 -5.97
CA HIS A 446 -49.52 -50.14 -8.83
CA GLN A 447 -49.59 -46.31 -8.72
CA ILE A 448 -48.59 -46.49 -5.07
CA PHE A 449 -46.00 -49.20 -5.50
CA GLY A 450 -44.97 -47.44 -8.64
CA ALA A 451 -44.06 -44.13 -7.09
CA ALA A 452 -42.46 -45.71 -4.07
CA PHE A 453 -40.56 -48.02 -6.35
CA LYS A 454 -39.48 -45.01 -8.41
CA SER A 455 -38.14 -42.76 -5.69
CA LEU A 456 -35.82 -45.41 -4.20
CA PHE A 457 -34.48 -46.72 -7.53
CA GLY A 458 -34.87 -44.02 -10.15
CA GLY A 459 -31.34 -43.02 -11.08
CA MET A 460 -30.47 -46.66 -11.06
CA SER A 461 -29.32 -47.00 -14.68
CA TRP A 462 -29.48 -50.71 -15.83
CA PHE A 463 -26.19 -52.16 -14.47
CA SER A 464 -27.14 -50.46 -11.25
CA GLN A 465 -30.49 -52.13 -10.79
CA ILE A 466 -29.27 -55.73 -10.80
CA LEU A 467 -26.26 -54.89 -8.55
CA ILE A 468 -28.28 -53.17 -5.82
CA GLY A 469 -30.82 -55.86 -6.67
CA THR A 470 -28.77 -59.04 -6.39
CA LEU A 471 -26.63 -57.99 -3.44
CA LEU A 472 -30.13 -57.24 -2.09
CA MET A 473 -31.95 -60.42 -2.95
CA TRP A 474 -29.29 -61.85 -0.62
CA LEU A 475 -30.49 -59.86 2.45
CA GLY A 476 -33.85 -61.55 1.93
CA LEU A 477 -32.35 -65.06 1.94
CA ASN A 478 -30.52 -64.02 5.13
CA THR A 479 -32.11 -63.00 8.48
CA LYS A 480 -35.64 -64.10 9.39
CA ASN A 481 -39.39 -63.57 10.05
CA GLY A 482 -40.25 -62.67 6.46
CA SER A 483 -41.47 -59.13 7.12
CA ILE A 484 -37.87 -58.08 6.42
CA SER A 485 -36.65 -61.33 4.85
CA LEU A 486 -39.15 -61.37 1.96
CA MET A 487 -39.71 -57.73 1.13
CA CYS A 488 -35.99 -57.78 0.46
CA LEU A 489 -36.23 -60.92 -1.70
CA ALA A 490 -39.20 -59.77 -3.66
CA LEU A 491 -37.94 -56.26 -4.41
CA GLY A 492 -34.56 -57.90 -4.97
CA GLY A 493 -35.45 -60.29 -7.76
CA VAL A 494 -38.23 -58.14 -9.20
CA LEU A 495 -35.88 -55.22 -9.42
CA ILE A 496 -33.91 -57.53 -11.69
CA PHE A 497 -36.91 -58.07 -14.01
CA LEU A 498 -36.94 -54.46 -15.22
CA SER A 499 -33.45 -55.43 -16.38
CA THR A 500 -34.41 -58.41 -18.53
CA ALA A 501 -37.57 -56.89 -20.00
CA VAL A 502 -35.27 -54.20 -21.40
CA SER A 503 -32.59 -55.47 -23.83
CA ALA A 504 -33.38 -59.20 -23.32
CA ILE B 1 15.66 18.64 29.87
CA ARG B 2 13.21 16.86 27.62
CA CYS B 3 11.30 13.85 29.14
CA ILE B 4 10.62 15.71 32.32
CA GLY B 5 6.92 15.43 32.94
CA VAL B 6 6.07 13.13 30.05
CA SER B 7 3.92 11.44 32.64
CA ASN B 8 6.00 8.48 31.79
CA ARG B 9 9.70 9.17 31.88
CA ASP B 10 11.96 6.26 32.92
CA PHE B 11 15.42 6.90 34.40
CA VAL B 12 17.69 4.22 33.01
CA GLU B 13 20.31 3.61 35.67
CA GLY B 14 23.62 3.34 33.88
CA MET B 15 26.15 0.70 34.85
CA SER B 16 29.92 1.17 35.41
CA GLY B 17 30.46 -1.65 32.85
CA GLY B 18 30.62 -0.86 29.14
CA THR B 19 27.88 1.13 27.48
CA TRP B 20 24.79 -1.03 27.13
CA VAL B 21 22.05 1.52 27.04
CA ASP B 22 19.55 -1.09 25.92
CA VAL B 23 16.37 0.92 26.12
CA VAL B 24 13.09 0.60 24.26
CA LEU B 25 12.04 4.06 23.15
CA GLU B 26 8.37 4.44 23.42
CA HIS B 27 6.45 6.60 21.03
CA GLY B 28 4.75 8.24 23.89
CA GLY B 29 6.36 8.28 27.30
CA CYS B 30 10.14 8.39 27.48
CA VAL B 31 13.47 7.20 28.84
CA THR B 32 16.35 9.31 30.27
CA VAL B 33 19.84 8.01 31.02
CA MET B 34 22.42 8.29 33.81
CA ALA B 35 25.92 6.95 34.47
CA GLN B 36 28.83 8.58 36.30
CA ASP B 37 30.90 8.80 33.14
CA LYS B 38 28.40 10.95 31.32
CA PRO B 39 26.09 13.90 31.45
CA THR B 40 22.52 12.81 31.50
CA VAL B 41 20.71 12.68 28.24
CA ASP B 42 17.25 11.39 27.32
CA ILE B 43 15.31 10.43 24.23
CA GLU B 44 11.79 10.62 22.97
CA LEU B 45 10.98 8.69 19.83
CA VAL B 46 9.16 11.70 18.39
CA THR B 47 8.09 11.18 14.70
CA THR B 48 7.72 7.72 13.14
CA THR B 49 7.27 8.36 9.41
CA VAL B 50 6.62 5.66 6.76
CA SER B 51 8.01 6.48 3.30
CA ASN B 52 6.02 4.70 0.59
CA MET B 53 3.14 2.28 0.39
CA ALA B 54 1.18 -0.04 -1.91
CA GLU B 55 -2.53 0.38 -2.75
CA VAL B 56 -3.47 -3.25 -2.19
CA ARG B 57 -7.31 -2.70 -2.21
CA SER B 58 -9.85 0.03 -2.45
CA TYR B 59 -13.34 -0.33 -1.04
CA CYS B 60 -16.44 1.79 -1.61
CA TYR B 61 -18.41 2.85 1.38
CA GLU B 62 -21.21 4.74 -0.39
CA ALA B 63 -22.15 3.14 -3.67
CA SER B 64 -24.79 4.55 -5.98
CA ILE B 65 -26.99 2.51 -8.33
CA SER B 66 -28.44 4.33 -11.31
CA ASP B 67 -30.33 2.38 -13.95
CA MET B 68 -32.98 -0.14 -12.88
CA ALA B 69 -33.53 -2.41 -15.86
CA SER B 70 -35.81 -5.47 -15.55
CA ASP B 71 -36.36 -8.52 -17.87
CA SER B 72 -38.81 -11.39 -17.67
CA ARG B 73 -39.56 -14.80 -19.10
CA CYS B 74 -42.33 -17.26 -18.29
CA PRO B 75 -41.92 -21.00 -17.45
CA THR B 76 -41.83 -21.33 -21.24
CA GLN B 77 -38.05 -20.72 -21.13
CA GLY B 78 -35.09 -21.01 -18.83
CA GLU B 79 -34.17 -17.55 -17.59
CA ALA B 80 -33.88 -13.93 -18.60
CA TYR B 81 -31.19 -12.01 -20.38
CA LEU B 82 -31.32 -8.24 -20.39
CA ASP B 83 -28.61 -6.21 -22.19
CA LYS B 84 -26.80 -5.53 -18.96
CA GLN B 85 -25.82 -8.98 -17.80
CA SER B 86 -22.96 -8.69 -20.32
CA ASP B 87 -21.32 -5.64 -18.59
CA THR B 88 -19.27 -5.33 -15.47
CA GLN B 89 -20.79 -1.85 -15.30
CA TYR B 90 -23.83 -3.35 -13.54
CA VAL B 91 -24.98 -5.78 -10.94
CA CYS B 92 -27.79 -8.22 -11.63
CA LYS B 93 -29.81 -10.86 -9.87
CA ARG B 94 -32.37 -13.28 -11.27
CA THR B 95 -35.24 -15.15 -9.61
CA LEU B 96 -38.89 -15.94 -9.99
CA VAL B 97 -42.09 -14.00 -10.20
CA ASP B 98 -45.56 -15.62 -10.05
CA ARG B 99 -45.79 -15.36 -13.76
CA GLY B 100 -49.30 -16.06 -14.75
CA TRP B 101 -52.06 -14.73 -16.94
CA GLY B 102 -51.42 -11.38 -15.34
CA ASN B 103 -48.96 -10.80 -18.19
CA GLY B 104 -50.81 -13.26 -20.43
CA CYS B 105 -48.37 -16.08 -19.94
CA GLY B 106 -49.69 -19.36 -21.27
CA LEU B 107 -48.29 -21.32 -18.41
CA PHE B 108 -48.81 -20.39 -14.79
CA GLY B 109 -46.35 -19.50 -12.06
CA LYS B 110 -42.63 -20.29 -12.49
CA GLY B 111 -41.40 -17.16 -14.30
CA SER B 112 -37.93 -15.75 -13.90
CA LEU B 113 -36.79 -12.21 -14.31
CA VAL B 114 -33.67 -10.21 -13.63
CA THR B 115 -33.22 -6.57 -12.54
CA CYS B 116 -29.93 -4.63 -12.68
CA ALA B 117 -28.23 -1.47 -11.53
CA LYS B 118 -25.35 0.53 -12.92
CA PHE B 119 -22.89 0.50 -10.01
CA ALA B 120 -21.15 3.82 -9.45
CA CYS B 121 -19.32 4.75 -6.28
CA SER B 122 -19.21 7.87 -4.05
CA LYS B 123 -16.36 7.50 -1.53
CA LYS B 124 -13.77 4.79 -1.45
CA MET B 125 -11.71 3.61 1.46
CA THR B 126 -8.22 3.45 -0.04
CA GLY B 127 -6.14 1.05 2.01
CA LYS B 128 -2.36 0.41 1.64
CA SER B 129 0.59 -1.96 2.21
CA ILE B 130 3.74 -0.74 3.95
CA GLN B 131 6.77 -3.02 3.80
CA PRO B 132 8.58 -3.03 7.21
CA GLU B 133 11.61 -1.71 5.42
CA ASN B 134 11.45 1.73 3.78
CA LEU B 135 9.86 3.32 6.89
CA GLU B 136 11.89 5.37 9.42
CA TYR B 137 11.92 7.01 12.87
CA ARG B 138 13.26 10.25 14.32
CA ILE B 139 14.45 10.05 17.92
CA MET B 140 15.27 13.42 19.28
CA LEU B 141 17.35 13.60 22.46
CA SER B 142 18.25 16.36 24.88
CA VAL B 143 20.68 16.87 27.79
CA HIS B 144 20.53 18.30 31.32
CA GLY B 145 23.15 20.87 30.66
CA SER B 146 22.23 24.44 31.36
CA GLN B 147 18.79 24.41 29.79
CA HIS B 148 16.09 26.84 30.90
CA SER B 149 12.48 25.69 30.38
CA GLY B 150 13.98 25.42 26.92
CA MET B 151 12.45 22.04 27.45
CA ILE B 152 10.15 20.72 24.74
CA VAL B 153 8.95 23.89 23.07
CA ASN B 154 11.16 24.93 20.11
CA ASP B 155 13.00 21.92 18.70
CA THR B 156 14.68 22.92 15.41
CA GLY B 157 16.61 25.89 16.78
CA HIS B 158 17.54 23.56 19.65
CA GLU B 159 18.88 20.79 17.34
CA THR B 160 21.49 23.12 15.70
CA ASP B 161 22.90 23.09 19.25
CA GLU B 162 24.85 20.91 21.59
CA ASN B 163 22.17 19.68 23.90
CA ARG B 164 19.28 18.85 21.67
CA ALA B 165 20.09 16.43 18.90
CA LYS B 166 17.85 14.69 16.38
CA VAL B 167 18.92 11.36 14.89
CA GLU B 168 16.99 9.00 12.69
CA ILE B 169 17.47 5.34 12.31
CA THR B 170 16.24 3.83 9.02
CA PRO B 171 15.92 0.10 8.66
CA ASN B 172 18.79 0.89 6.29
CA SER B 173 20.92 3.24 8.50
CA PRO B 174 20.22 1.46 11.83
CA ARG B 175 23.07 2.93 13.84
CA ALA B 176 22.88 6.69 13.52
CA GLU B 177 25.50 8.65 15.45
CA ALA B 178 24.08 11.68 17.26
CA THR B 179 27.14 13.92 17.73
CA LEU B 180 26.31 16.61 20.29
CA GLY B 181 29.82 17.88 20.97
CA GLY B 182 30.96 19.73 24.08
CA PHE B 183 29.84 16.34 25.32
CA GLY B 184 30.56 13.92 22.50
CA SER B 185 28.68 11.40 20.34
CA LEU B 186 26.01 8.80 20.69
CA GLY B 187 25.70 5.26 19.53
CA LEU B 188 22.43 3.92 18.25
CA ASP B 189 22.02 0.22 17.52
CA CYS B 190 18.31 0.32 16.59
CA GLU B 191 16.11 -2.39 15.10
CA PRO B 192 13.99 -0.52 12.54
CA ARG B 193 12.36 -3.90 11.95
CA THR B 194 11.03 -5.32 15.19
CA GLY B 195 8.96 -2.13 15.36
CA LEU B 196 5.23 -2.57 14.91
CA ASP B 197 5.65 -5.36 12.31
CA PHE B 198 4.08 -3.11 9.63
CA SER B 199 4.09 -6.41 7.72
CA ASP B 200 0.43 -7.03 8.45
CA LEU B 201 -0.23 -3.32 8.86
CA TYR B 202 -2.04 -2.00 5.86
CA TYR B 203 -2.28 1.73 6.13
CA LEU B 204 -5.84 2.95 5.70
CA THR B 205 -7.17 6.17 4.16
CA MET B 206 -10.88 6.60 4.72
CA ASN B 207 -11.64 10.09 3.62
CA ASN B 208 -8.47 11.71 4.97
CA LYS B 209 -8.87 10.15 8.42
CA HIS B 210 -6.36 7.34 8.16
CA TRP B 211 -5.57 4.75 10.78
CA LEU B 212 -2.89 2.07 10.53
CA VAL B 213 -5.04 -1.03 10.33
CA HIS B 214 -4.26 -4.64 10.78
CA LYS B 215 -3.95 -6.65 7.55
CA GLU B 216 -6.50 -9.30 8.28
CA TRP B 217 -9.39 -7.10 9.20
CA PHE B 218 -8.65 -5.25 5.90
CA HIS B 219 -9.45 -8.14 3.46
CA ASP B 220 -12.18 -9.37 5.80
CA ILE B 221 -14.77 -6.61 5.41
CA PRO B 222 -16.59 -7.02 2.01
CA LEU B 223 -18.42 -4.36 0.05
CA PRO B 224 -17.10 -3.20 -3.20
CA TRP B 225 -13.49 -3.60 -4.19
CA HIS B 226 -11.04 -2.31 -6.82
CA ALA B 227 -7.32 -2.41 -6.52
CA GLY B 228 -3.70 -2.93 -7.59
CA ALA B 229 -5.76 -1.57 -10.30
CA ASP B 230 -5.37 1.19 -12.72
CA THR B 231 -8.42 3.12 -11.83
CA GLY B 232 -9.60 3.69 -15.39
CA THR B 233 -13.19 2.34 -15.16
CA PRO B 234 -12.93 0.70 -11.70
CA HIS B 235 -14.05 -2.82 -12.53
CA TRP B 236 -15.43 -3.61 -9.09
CA ASN B 237 -15.66 -6.91 -7.31
CA ASN B 238 -18.47 -8.02 -4.92
CA LYS B 239 -21.12 -5.21 -4.74
CA GLU B 240 -23.82 -7.35 -3.19
CA ALA B 241 -23.07 -5.70 0.16
CA LEU B 242 -24.44 -2.51 -1.30
CA VAL B 243 -27.08 -3.07 -3.97
CA GLU B 244 -30.00 -4.64 -2.21
CA PHE B 245 -32.18 -6.98 -4.28
CA LYS B 246 -35.51 -7.36 -2.59
CA ASP B 247 -38.44 -7.99 -4.85
CA ALA B 248 -41.63 -6.36 -3.45
CA HIS B 249 -44.19 -9.23 -2.80
CA ALA B 250 -43.82 -11.57 -5.82
CA LYS B 251 -44.32 -9.76 -9.13
CA ARG B 252 -41.78 -6.99 -9.12
CA GLN B 253 -38.06 -7.02 -8.22
CA THR B 254 -36.70 -3.85 -6.65
CA VAL B 255 -33.17 -2.87 -5.74
CA VAL B 256 -32.00 -0.17 -3.30
CA VAL B 257 -28.52 1.08 -2.59
CA LEU B 258 -27.81 -0.07 0.97
CA GLY B 259 -26.51 2.94 3.00
CA SER B 260 -22.92 4.33 2.79
CA GLN B 261 -21.41 2.30 5.73
CA GLU B 262 -19.16 5.36 6.08
CA GLY B 263 -19.21 5.37 9.87
CA ALA B 264 -20.12 1.68 10.18
CA VAL B 265 -16.58 1.28 9.02
CA HIS B 266 -15.64 3.70 11.86
CA THR B 267 -17.16 1.34 14.39
CA ALA B 268 -15.62 -1.49 12.47
CA LEU B 269 -12.41 0.35 12.62
CA ALA B 270 -12.21 -0.28 16.34
CA GLY B 271 -8.57 -1.04 16.20
CA ALA B 272 -5.89 0.94 17.91
CA LEU B 273 -3.65 3.08 15.70
CA GLU B 274 -4.49 6.45 14.41
CA ALA B 275 -2.37 7.70 11.59
CA GLU B 276 -1.68 11.09 10.05
CA MET B 277 -0.63 11.61 6.54
CA ASP B 278 1.26 14.26 4.62
CA GLY B 279 0.43 12.28 1.50
CA ALA B 280 4.09 11.98 0.87
CA LYS B 281 4.83 9.73 3.83
CA GLY B 282 3.01 7.86 6.52
CA ARG B 283 3.56 10.11 9.50
CA LEU B 284 2.24 8.48 12.61
CA SER B 285 2.56 7.82 16.33
CA SER B 286 2.12 4.99 18.82
CA GLY B 287 4.94 2.63 18.17
CA HIS B 288 8.07 1.32 19.71
CA LEU B 289 11.69 0.85 18.74
CA LYS B 290 14.47 -1.00 20.56
CA CYS B 291 17.99 0.41 20.47
CA ARG B 292 21.32 0.45 22.25
CA LEU B 293 23.51 3.59 22.76
CA LYS B 294 27.31 4.10 23.18
CA MET B 295 28.07 5.97 26.44
CA ASP B 296 31.71 6.08 25.73
CA LYS B 297 31.74 9.12 23.52
CA LEU B 298 30.08 11.61 25.93
CA ARG B 299 32.07 14.07 27.97
CA LEU B 300 31.02 15.68 31.26
CA LYS B 301 31.97 19.26 30.48
CA GLY B 302 31.42 20.47 34.01
CA VAL B 303 34.16 18.79 36.12
CA SER B 304 36.64 21.22 34.69
CA TYR B 305 35.07 24.42 35.85
CA SER B 306 35.72 26.26 39.04
CA LEU B 307 32.43 26.06 41.00
CA CYS B 308 30.50 29.32 40.78
CA THR B 309 30.40 31.62 43.75
CA ALA B 310 28.02 34.56 44.10
CA ALA B 311 24.24 34.68 44.30
CA PHE B 312 21.66 32.20 43.19
CA THR B 313 17.86 32.65 43.04
CA PHE B 314 14.83 30.36 42.46
CA THR B 315 13.28 32.25 39.51
CA LYS B 316 10.92 29.24 39.42
CA ILE B 317 10.03 27.73 42.77
CA PRO B 318 10.69 23.94 42.77
CA ALA B 319 8.01 21.76 41.24
CA GLU B 320 7.78 18.06 42.04
CA THR B 321 7.02 16.01 38.98
CA LEU B 322 5.89 12.52 38.21
CA HIS B 323 7.16 10.50 41.10
CA GLY B 324 9.68 12.67 42.96
CA THR B 325 12.16 14.35 40.71
CA VAL B 326 12.29 18.10 41.33
CA THR B 327 13.12 20.87 38.89
CA VAL B 328 14.54 24.09 40.18
CA GLU B 329 15.26 26.96 37.83
CA VAL B 330 17.75 29.48 39.00
CA GLN B 331 19.67 32.48 37.75
CA TYR B 332 23.06 33.96 38.45
CA ALA B 333 24.75 36.97 40.10
CA GLY B 334 25.84 38.42 36.76
CA THR B 335 29.63 38.53 35.85
CA ASP B 336 30.86 34.98 35.56
CA GLY B 337 32.08 32.46 33.11
CA PRO B 338 31.40 28.77 32.43
CA CYS B 339 31.46 27.44 35.98
CA LYS B 340 29.77 24.73 38.02
CA VAL B 341 26.78 25.62 40.14
CA PRO B 342 27.17 23.75 43.46
CA ALA B 343 24.16 21.95 44.80
CA GLN B 344 23.77 19.28 47.45
CA MET B 345 20.31 18.79 48.74
CA ALA B 346 20.86 17.30 52.18
CA VAL B 347 19.50 15.80 55.32
CA ASP B 348 20.45 18.74 57.45
CA MET B 349 22.39 22.01 57.23
CA GLN B 350 25.71 21.71 59.13
CA THR B 351 26.68 18.07 58.30
CA LEU B 352 25.40 18.75 54.77
CA THR B 353 26.57 15.44 53.41
CA PRO B 354 25.09 15.16 49.97
CA VAL B 355 22.19 12.76 50.23
CA GLY B 356 20.09 11.85 47.24
CA ARG B 357 20.63 12.10 43.56
CA LEU B 358 21.49 14.71 41.05
CA ILE B 359 19.57 13.94 37.87
CA THR B 360 21.07 17.08 36.31
CA ALA B 361 24.56 15.50 36.55
CA ASN B 362 26.79 18.49 35.79
CA PRO B 363 25.11 21.87 36.19
CA VAL B 364 27.16 24.67 34.66
CA ILE B 365 26.49 28.30 33.74
CA THR B 366 26.78 28.88 30.03
CA GLU B 367 29.71 31.24 29.43
CA SER B 368 27.52 34.22 30.27
CA THR B 369 27.94 37.58 31.88
CA GLU B 370 24.18 37.68 32.45
CA ASN B 371 21.84 36.11 35.01
CA SER B 372 21.72 32.66 33.44
CA LYS B 373 18.62 30.88 34.63
CA MET B 374 19.93 27.32 34.54
CA MET B 375 17.04 24.78 34.83
CA LEU B 376 18.09 21.64 36.58
CA GLU B 377 16.91 18.53 38.28
CA LEU B 378 17.48 16.46 41.41
CA ASP B 379 16.05 13.33 43.08
CA PRO B 380 15.18 14.02 46.77
CA PRO B 381 15.31 11.12 49.15
CA PHE B 382 11.84 10.22 50.39
CA GLY B 383 10.92 12.58 53.22
CA ASP B 384 12.43 16.03 53.97
CA SER B 385 15.26 17.48 51.99
CA TYR B 386 16.88 20.84 51.36
CA ILE B 387 17.53 21.70 47.76
CA VAL B 388 20.49 23.95 48.68
CA ILE B 389 22.26 25.43 45.71
CA GLY B 390 25.06 27.85 46.48
CA VAL B 391 28.52 28.65 47.70
CA GLY B 392 27.73 28.42 51.40
CA GLU B 393 27.73 31.99 52.64
CA LYS B 394 24.53 32.48 50.77
CA LYS B 395 22.90 29.12 50.42
CA ILE B 396 19.68 29.76 48.55
CA THR B 397 18.41 26.74 50.49
CA HIS B 398 14.82 25.43 50.11
CA HIS B 399 12.63 23.16 52.12
CA TRP B 400 11.58 20.18 50.15
CA HIS B 401 9.49 17.14 50.89
CA ARG B 402 9.27 13.95 48.79
CA SER B 403 6.26 11.91 50.08
CA GLY B 404 7.41 8.67 48.59
CA SER B 405 8.81 6.06 50.94
CA THR B 406 11.12 3.57 49.15
CA ILE B 407 8.72 0.69 49.56
CA GLY B 408 5.81 2.71 48.12
CA LYS B 409 7.97 3.42 45.08
CA ALA B 410 8.87 -0.25 44.40
CA PHE B 411 5.19 -1.22 44.43
CA GLU B 412 4.36 1.65 41.98
CA ALA B 413 7.42 1.33 39.72
CA THR B 414 6.41 -2.36 39.57
CA VAL B 415 3.62 -1.25 37.28
CA ARG B 416 5.76 1.27 35.34
CA GLY B 417 7.07 -2.15 34.29
CA ALA B 418 3.76 -4.06 34.52
CA LYS B 419 2.42 -2.01 31.65
CA ARG B 420 5.72 -1.48 29.74
CA MET B 421 5.58 -5.26 29.70
CA ALA B 422 1.98 -5.91 28.62
CA VAL B 423 2.38 -3.22 25.89
CA LEU B 424 5.81 -4.43 24.81
CA GLY B 425 5.13 -8.15 25.46
CA ASP B 426 8.64 -9.65 25.61
CA THR B 427 10.51 -6.70 24.09
CA ALA B 428 10.13 -5.83 27.82
CA TRP B 429 13.16 -7.79 28.79
CA ASP B 430 14.94 -5.30 26.66
CA PHE B 431 15.07 -2.36 29.09
CA GLY B 432 17.54 -4.69 30.82
CA SER B 433 20.55 -2.90 29.45
CA VAL B 434 23.01 -5.79 30.04
CA GLY B 435 23.62 -9.42 29.04
CA GLY B 436 22.32 -10.70 32.36
CA ALA B 437 21.34 -14.33 32.89
CA LEU B 438 17.73 -13.49 33.77
CA ASN B 439 17.45 -10.39 31.49
CA SER B 440 18.35 -12.87 28.78
CA LEU B 441 16.66 -16.00 30.12
CA GLY B 442 13.54 -13.85 30.36
CA LYS B 443 13.39 -12.53 26.82
CA GLY B 444 13.44 -16.27 26.19
CA ILE B 445 11.29 -17.93 28.87
CA HIS B 446 8.47 -15.35 28.49
CA GLN B 447 8.92 -15.94 24.77
CA ILE B 448 7.31 -19.38 24.28
CA PHE B 449 4.45 -17.64 26.02
CA GLY B 450 4.33 -14.37 24.17
CA ALA B 451 4.12 -16.81 21.27
CA ALA B 452 1.69 -19.31 22.87
CA PHE B 453 -0.71 -17.45 25.14
CA LYS B 454 -1.01 -14.84 22.33
CA SER B 455 -1.66 -17.25 19.46
CA LEU B 456 -4.46 -18.99 21.39
CA PHE B 457 -6.00 -15.74 22.77
CA GLY B 458 -5.21 -13.14 20.09
CA GLY B 459 -8.82 -12.47 19.27
CA MET B 460 -10.91 -10.75 21.88
CA SER B 461 -11.33 -7.10 22.76
CA TRP B 462 -11.25 -5.77 26.35
CA PHE B 463 -14.60 -7.09 27.56
CA SER B 464 -14.10 -10.43 25.81
CA GLN B 465 -10.96 -11.35 27.76
CA ILE B 466 -12.32 -10.59 31.25
CA LEU B 467 -15.22 -12.87 30.29
CA ILE B 468 -12.62 -15.63 29.83
CA GLY B 469 -10.24 -14.85 32.66
CA THR B 470 -12.95 -14.66 35.28
CA LEU B 471 -14.31 -17.90 33.88
CA LEU B 472 -10.76 -19.33 34.35
CA MET B 473 -10.24 -18.11 37.92
CA TRP B 474 -13.49 -19.97 38.74
CA LEU B 475 -12.00 -22.94 36.94
CA GLY B 476 -9.32 -21.97 39.43
CA LEU B 477 -9.33 -22.99 43.06
CA ASN B 478 -12.76 -24.47 42.24
CA THR B 479 -12.20 -27.88 40.70
CA LYS B 480 -11.35 -31.56 41.25
CA ASN B 481 -7.63 -30.97 41.97
CA GLY B 482 -5.30 -28.08 42.77
CA SER B 483 -2.78 -29.60 40.37
CA ILE B 484 -3.55 -28.81 36.75
CA SER B 485 -6.00 -26.28 38.18
CA LEU B 486 -3.49 -23.82 39.51
CA MET B 487 -2.27 -22.85 36.05
CA CYS B 488 -5.94 -22.27 35.20
CA LEU B 489 -6.37 -19.57 37.83
CA ALA B 490 -2.85 -18.71 36.77
CA LEU B 491 -3.09 -17.92 33.03
CA GLY B 492 -6.65 -16.94 33.84
CA GLY B 493 -5.10 -14.39 36.11
CA VAL B 494 -3.20 -12.92 33.18
CA LEU B 495 -6.21 -12.16 31.00
CA ILE B 496 -8.23 -10.51 33.80
CA PHE B 497 -5.05 -8.48 34.41
CA LEU B 498 -4.06 -7.68 30.83
CA SER B 499 -7.51 -6.21 30.22
CA THR B 500 -7.42 -3.84 33.20
CA ALA B 501 -3.60 -3.42 33.11
CA VAL B 502 -3.68 -1.58 29.77
CA SER B 503 -6.34 0.84 31.15
CA ALA B 504 -4.46 1.65 34.42
CA ILE C 1 22.79 -17.47 -9.38
CA ARG C 2 19.69 -19.19 -10.80
CA CYS C 3 17.93 -20.15 -7.49
CA ILE C 4 17.63 -16.99 -5.36
CA GLY C 5 13.90 -17.44 -4.94
CA VAL C 6 12.30 -20.53 -6.33
CA SER C 7 10.06 -22.27 -3.81
CA ASN C 8 11.27 -25.73 -4.73
CA ARG C 9 15.00 -24.99 -4.20
CA ASP C 10 16.73 -27.27 -1.75
CA PHE C 11 20.24 -26.71 -0.26
CA VAL C 12 22.84 -29.48 -0.23
CA GLU C 13 25.62 -28.37 2.06
CA GLY C 14 27.71 -31.51 2.22
CA MET C 15 31.31 -30.85 3.26
CA SER C 16 31.49 -34.69 3.18
CA GLY C 17 34.93 -34.47 1.63
CA GLY C 18 33.74 -37.23 -0.64
CA THR C 19 34.35 -34.91 -3.59
CA TRP C 20 30.73 -35.73 -4.46
CA VAL C 21 27.21 -35.23 -3.17
CA ASP C 22 24.53 -37.28 -4.81
CA VAL C 23 21.82 -34.72 -5.48
CA VAL C 24 18.41 -35.32 -7.11
CA LEU C 25 17.59 -32.53 -9.55
CA GLU C 26 14.46 -32.06 -11.67
CA HIS C 27 12.43 -29.29 -13.29
CA GLY C 28 11.23 -28.54 -9.84
CA GLY C 29 13.42 -25.54 -9.30
CA CYS C 30 16.84 -26.46 -8.06
CA VAL C 31 19.64 -27.00 -5.67
CA THR C 32 22.57 -25.02 -4.48
CA VAL C 33 25.69 -26.72 -3.11
CA MET C 34 28.50 -25.40 -0.92
CA ALA C 35 31.22 -26.84 1.30
CA GLN C 36 34.80 -26.06 2.23
CA ASP C 37 36.40 -23.35 0.00
CA LYS C 38 33.87 -24.37 -2.63
CA PRO C 39 32.03 -21.48 -4.21
CA THR C 40 28.41 -22.35 -3.43
CA VAL C 41 26.87 -23.45 -6.74
CA ASP C 42 23.42 -23.81 -8.29
CA ILE C 43 22.44 -26.72 -10.47
CA GLU C 44 19.11 -26.44 -12.24
CA LEU C 45 17.74 -29.21 -14.40
CA VAL C 46 16.07 -27.03 -16.98
CA THR C 47 15.31 -28.84 -20.26
CA THR C 48 14.99 -32.55 -20.99
CA THR C 49 14.01 -32.91 -24.66
CA VAL C 50 13.38 -36.21 -26.49
CA SER C 51 15.23 -36.13 -29.87
CA ASN C 52 14.19 -38.90 -32.26
CA MET C 53 11.17 -41.04 -31.57
CA ALA C 54 8.74 -42.80 -33.79
CA GLU C 55 5.04 -43.57 -33.30
CA VAL C 56 3.69 -46.85 -31.92
CA ARG C 57 -0.12 -46.62 -32.21
CA SER C 58 -2.46 -44.03 -33.76
CA TYR C 59 -6.06 -43.54 -32.64
CA CYS C 60 -8.96 -41.86 -34.32
CA TYR C 61 -11.06 -39.35 -32.40
CA GLU C 62 -12.97 -37.91 -35.29
CA ALA C 63 -14.83 -40.59 -37.22
CA SER C 64 -16.70 -39.81 -40.45
CA ILE C 65 -19.00 -42.43 -42.02
CA SER C 66 -18.89 -41.83 -45.77
CA ASP C 67 -21.70 -43.69 -47.46
CA MET C 68 -24.05 -46.29 -46.06
CA ALA C 69 -25.23 -49.13 -48.25
CA SER C 70 -27.28 -52.13 -47.02
CA ASP C 71 -29.26 -55.22 -47.95
CA SER C 72 -31.83 -57.32 -46.26
CA ARG C 73 -32.70 -60.82 -47.12
CA CYS C 74 -36.29 -61.81 -46.50
CA PRO C 75 -37.18 -64.50 -43.97
CA THR C 76 -35.16 -67.61 -44.74
CA GLN C 77 -35.03 -66.43 -48.31
CA GLY C 78 -31.34 -66.86 -47.64
CA GLU C 79 -29.10 -64.13 -46.17
CA ALA C 80 -28.05 -60.48 -46.85
CA TYR C 81 -24.77 -60.06 -48.68
CA LEU C 82 -23.05 -56.79 -49.44
CA ASP C 83 -19.92 -56.69 -51.59
CA LYS C 84 -18.45 -54.26 -49.06
CA GLN C 85 -18.91 -56.74 -46.18
CA SER C 86 -15.58 -58.11 -47.36
CA ASP C 87 -13.58 -54.84 -48.02
CA THR C 88 -12.08 -53.80 -44.64
CA GLN C 89 -12.94 -50.11 -45.16
CA TYR C 90 -16.61 -50.28 -44.17
CA VAL C 91 -18.25 -51.70 -41.10
CA CYS C 92 -21.61 -53.48 -40.74
CA LYS C 93 -24.26 -55.25 -38.77
CA ARG C 94 -26.37 -58.33 -39.40
CA THR C 95 -29.65 -57.46 -37.63
CA LEU C 96 -33.11 -58.94 -38.10
CA VAL C 97 -35.66 -56.62 -39.68
CA ASP C 98 -38.80 -58.66 -39.31
CA ARG C 99 -40.66 -58.68 -42.57
CA GLY C 100 -43.68 -59.91 -44.38
CA TRP C 101 -45.96 -59.13 -47.30
CA GLY C 102 -46.18 -55.47 -46.47
CA ASN C 103 -42.39 -55.43 -46.38
CA GLY C 104 -42.25 -57.09 -49.81
CA CYS C 105 -41.67 -60.69 -48.69
CA GLY C 106 -43.52 -63.90 -49.50
CA LEU C 107 -43.29 -64.86 -45.91
CA PHE C 108 -43.46 -63.73 -42.27
CA GLY C 109 -40.41 -63.69 -40.07
CA LYS C 110 -36.97 -62.24 -39.54
CA GLY C 111 -35.33 -61.63 -42.88
CA SER C 112 -31.85 -60.31 -42.14
CA LEU C 113 -30.44 -56.85 -42.75
CA VAL C 114 -26.75 -55.89 -43.17
CA THR C 115 -26.16 -52.16 -43.24
CA CYS C 116 -22.70 -51.15 -44.50
CA ALA C 117 -20.89 -47.94 -43.87
CA LYS C 118 -17.66 -46.69 -45.37
CA PHE C 119 -15.56 -45.44 -42.49
CA ALA C 120 -13.00 -42.68 -42.61
CA CYS C 121 -11.04 -40.65 -40.12
CA SER C 122 -10.69 -36.88 -39.83
CA LYS C 123 -8.22 -36.23 -36.97
CA LYS C 124 -6.23 -38.65 -34.80
CA MET C 125 -3.60 -38.97 -32.09
CA THR C 126 -0.36 -40.87 -32.61
CA GLY C 127 1.66 -42.25 -29.74
CA LYS C 128 5.27 -41.67 -30.71
CA SER C 129 7.39 -43.95 -28.54
CA ILE C 130 10.45 -42.97 -26.49
CA GLN C 131 13.35 -44.97 -25.12
CA PRO C 132 16.00 -44.10 -22.48
CA GLU C 133 18.02 -43.02 -25.43
CA ASN C 134 16.96 -40.20 -27.80
CA LEU C 135 16.91 -38.34 -24.51
CA GLU C 136 19.03 -35.27 -23.83
CA TYR C 137 19.24 -33.45 -20.42
CA ARG C 138 19.84 -29.71 -20.05
CA ILE C 139 21.31 -28.78 -16.65
CA MET C 140 22.23 -25.20 -15.73
CA LEU C 141 25.07 -24.53 -13.32
CA SER C 142 25.44 -21.15 -11.68
CA VAL C 143 27.73 -20.21 -8.77
CA HIS C 144 26.71 -17.42 -6.35
CA GLY C 145 30.34 -16.54 -6.04
CA SER C 146 30.24 -12.91 -7.17
CA GLN C 147 27.72 -11.70 -9.78
CA HIS C 148 24.78 -9.40 -10.66
CA SER C 149 21.61 -8.20 -9.00
CA GLY C 150 19.42 -8.41 -12.06
CA MET C 151 21.58 -10.67 -14.21
CA ILE C 152 20.79 -13.55 -11.73
CA VAL C 153 18.22 -14.60 -14.30
CA ASN C 154 19.72 -13.27 -17.50
CA ASP C 155 20.47 -16.38 -19.46
CA THR C 156 22.22 -15.67 -22.74
CA GLY C 157 25.90 -15.82 -22.01
CA HIS C 158 27.40 -19.30 -21.64
CA GLU C 159 30.75 -18.20 -23.00
CA THR C 160 31.22 -15.47 -20.33
CA ASP C 161 29.92 -17.90 -17.72
CA GLU C 162 32.22 -17.14 -14.88
CA ASN C 163 29.46 -18.99 -13.06
CA ARG C 164 26.51 -19.88 -15.27
CA ALA C 165 27.74 -22.54 -17.69
CA LYS C 166 25.25 -24.76 -19.53
CA VAL C 167 25.86 -28.46 -19.28
CA GLU C 168 24.30 -31.03 -21.56
CA ILE C 169 24.07 -34.51 -19.95
CA THR C 170 23.28 -37.10 -22.63
CA PRO C 171 22.40 -40.74 -21.85
CA ASN C 172 25.35 -42.03 -23.87
CA SER C 173 27.62 -39.63 -21.90
CA PRO C 174 26.51 -39.98 -18.25
CA ARG C 175 29.60 -38.06 -17.25
CA ALA C 176 29.88 -34.41 -18.00
CA GLU C 177 31.89 -31.23 -17.69
CA ALA C 178 31.65 -27.52 -16.77
CA THR C 179 33.68 -24.43 -17.84
CA LEU C 180 34.21 -21.49 -15.54
CA GLY C 181 36.14 -18.28 -15.23
CA GLY C 182 39.06 -19.49 -13.09
CA PHE C 183 36.97 -21.98 -11.18
CA GLY C 184 37.36 -25.68 -11.52
CA SER C 185 35.26 -27.18 -14.28
CA LEU C 186 32.57 -29.44 -12.89
CA GLY C 187 31.67 -33.05 -13.51
CA LEU C 188 28.29 -34.59 -12.82
CA ASP C 189 28.21 -38.34 -13.22
CA CYS C 190 24.53 -39.10 -13.69
CA GLU C 191 22.14 -41.59 -15.20
CA PRO C 192 20.12 -40.17 -18.08
CA ARG C 193 19.83 -43.84 -19.06
CA THR C 194 17.60 -44.42 -16.01
CA GLY C 195 16.62 -40.97 -14.66
CA LEU C 196 12.84 -40.58 -15.08
CA ASP C 197 11.16 -43.75 -16.37
CA PHE C 198 10.45 -43.64 -20.11
CA SER C 199 9.78 -47.20 -21.13
CA ASP C 200 6.29 -46.68 -19.82
CA LEU C 201 5.56 -43.51 -21.66
CA TYR C 202 4.56 -41.95 -24.95
CA TYR C 203 3.68 -38.69 -26.56
CA LEU C 204 0.06 -38.11 -27.46
CA THR C 205 -0.08 -35.88 -30.43
CA MET C 206 -3.56 -34.53 -30.96
CA ASN C 207 -4.62 -31.05 -31.78
CA ASN C 208 -0.91 -30.08 -31.40
CA LYS C 209 -1.08 -30.08 -27.64
CA HIS C 210 0.79 -33.17 -26.56
CA TRP C 211 1.44 -34.68 -23.20
CA LEU C 212 3.54 -37.51 -21.74
CA VAL C 213 1.16 -40.38 -21.30
CA HIS C 214 1.67 -43.67 -19.55
CA LYS C 215 2.08 -46.88 -21.53
CA GLU C 216 -0.41 -49.11 -19.73
CA TRP C 217 -3.22 -46.67 -20.43
CA PHE C 218 -2.30 -45.83 -24.03
CA HIS C 219 -2.94 -49.44 -25.12
CA ASP C 220 -6.46 -49.46 -23.84
CA ILE C 221 -8.14 -46.43 -25.35
CA PRO C 222 -11.16 -47.67 -27.32
CA LEU C 223 -10.92 -45.93 -30.65
CA PRO C 224 -9.75 -46.97 -34.05
CA TRP C 225 -6.21 -48.35 -34.28
CA HIS C 226 -3.71 -47.64 -36.85
CA ALA C 227 -0.47 -49.42 -36.16
CA GLY C 228 2.63 -47.82 -37.69
CA ALA C 229 2.60 -44.42 -39.44
CA ASP C 230 0.26 -43.50 -42.28
CA THR C 231 0.55 -44.48 -45.96
CA GLY C 232 -2.30 -42.00 -46.44
CA THR C 233 -5.63 -43.71 -45.80
CA PRO C 234 -5.02 -46.56 -43.49
CA HIS C 235 -6.79 -49.59 -42.16
CA TRP C 236 -8.21 -49.18 -38.70
CA ASN C 237 -8.86 -52.03 -36.34
CA ASN C 238 -11.94 -51.17 -34.29
CA LYS C 239 -13.67 -48.94 -36.88
CA GLU C 240 -16.86 -49.24 -34.80
CA ALA C 241 -15.86 -48.03 -31.33
CA LEU C 242 -16.88 -44.72 -32.87
CA VAL C 243 -19.41 -45.98 -35.43
CA GLU C 244 -22.77 -46.72 -33.90
CA PHE C 245 -25.95 -47.81 -35.66
CA LYS C 246 -29.04 -49.29 -33.97
CA ASP C 247 -32.23 -49.94 -35.91
CA ALA C 248 -35.16 -51.31 -33.86
CA HIS C 249 -37.51 -53.80 -35.63
CA ALA C 250 -37.74 -51.66 -38.82
CA LYS C 251 -35.90 -51.30 -42.12
CA ARG C 252 -34.23 -48.14 -40.78
CA GLN C 253 -30.44 -48.63 -40.21
CA THR C 254 -29.42 -45.67 -38.08
CA VAL C 255 -25.61 -45.27 -38.71
CA VAL C 256 -24.40 -42.39 -36.51
CA VAL C 257 -20.63 -41.70 -36.51
CA LEU C 258 -20.66 -40.43 -32.88
CA GLY C 259 -18.83 -37.07 -33.00
CA SER C 260 -15.38 -36.02 -31.82
CA GLN C 261 -13.58 -37.30 -28.83
CA GLU C 262 -11.35 -34.43 -27.72
CA GLY C 263 -12.95 -33.78 -24.37
CA ALA C 264 -13.65 -37.52 -24.28
CA VAL C 265 -9.81 -37.89 -24.17
CA HIS C 266 -8.51 -34.64 -22.73
CA THR C 267 -10.92 -35.36 -19.91
CA ALA C 268 -9.71 -38.92 -19.33
CA LEU C 269 -6.09 -37.77 -19.19
CA ALA C 270 -5.99 -35.91 -15.90
CA GLY C 271 -2.71 -37.52 -14.75
CA ALA C 272 -0.75 -37.07 -17.97
CA LEU C 273 2.09 -34.58 -17.86
CA GLU C 274 1.63 -31.74 -20.26
CA ALA C 275 4.35 -31.77 -22.86
CA GLU C 276 5.16 -29.64 -25.82
CA MET C 277 6.70 -31.56 -28.68
CA ASP C 278 8.01 -28.65 -30.69
CA GLY C 279 9.19 -28.87 -34.28
CA ALA C 280 11.35 -31.94 -34.51
CA LYS C 281 12.32 -33.03 -31.07
CA GLY C 282 9.73 -33.33 -28.41
CA ARG C 283 10.46 -31.27 -25.30
CA LEU C 284 9.56 -32.42 -21.92
CA SER C 285 9.38 -29.87 -19.16
CA SER C 286 8.61 -31.19 -15.66
CA GLY C 287 10.93 -34.18 -15.60
CA HIS C 288 13.21 -35.62 -12.92
CA LEU C 289 16.87 -36.76 -12.87
CA LYS C 290 19.36 -38.13 -10.33
CA CYS C 291 23.01 -37.12 -10.56
CA ARG C 292 26.00 -36.68 -8.39
CA LEU C 293 28.49 -33.87 -8.20
CA LYS C 294 32.19 -34.52 -8.59
CA MET C 295 33.64 -31.73 -6.41
CA ASP C 296 37.34 -31.59 -7.13
CA LYS C 297 37.85 -29.23 -9.97
CA LEU C 298 35.67 -26.59 -8.35
CA ARG C 299 37.88 -24.70 -5.96
CA LEU C 300 37.14 -21.15 -4.82
CA LYS C 301 38.40 -18.14 -6.68
CA GLY C 302 39.49 -14.66 -5.78
CA VAL C 303 40.45 -15.99 -2.33
CA SER C 304 43.83 -14.37 -2.68
CA TYR C 305 42.11 -11.00 -2.73
CA SER C 306 42.46 -8.16 -0.20
CA LEU C 307 39.46 -7.45 2.02
CA CYS C 308 38.54 -4.30 0.19
CA THR C 309 37.79 -1.03 1.97
CA ALA C 310 35.35 1.59 0.68
CA ALA C 311 31.91 2.08 2.04
CA PHE C 312 29.01 0.07 0.56
CA THR C 313 25.69 1.66 -0.40
CA PHE C 314 23.07 -1.12 -0.61
CA THR C 315 21.62 -0.63 -4.11
CA LYS C 316 18.42 -2.17 -2.90
CA ILE C 317 17.02 -3.48 0.29
CA PRO C 318 17.86 -6.77 2.04
CA ALA C 319 15.23 -9.40 1.17
CA GLU C 320 14.44 -12.96 2.25
CA THR C 321 13.15 -15.97 0.29
CA LEU C 322 11.23 -19.02 1.47
CA HIS C 323 14.46 -20.24 3.07
CA GLY C 324 15.54 -17.39 5.34
CA THR C 325 18.30 -16.46 2.96
CA VAL C 326 19.10 -12.88 2.10
CA THR C 327 20.06 -11.04 -1.08
CA VAL C 328 22.22 -8.08 -0.03
CA GLU C 329 23.19 -6.16 -3.11
CA VAL C 330 25.72 -3.47 -2.27
CA GLN C 331 28.06 -1.08 -4.03
CA TYR C 332 31.71 -0.48 -4.28
CA ALA C 333 32.81 3.10 -4.62
CA GLY C 334 35.77 2.91 -6.99
CA THR C 335 38.75 1.62 -4.94
CA ASP C 336 40.80 -0.61 -7.31
CA GLY C 337 39.92 -3.70 -9.29
CA PRO C 338 39.11 -7.13 -7.90
CA CYS C 339 39.28 -7.79 -4.19
CA LYS C 340 37.10 -9.53 -1.56
CA VAL C 341 34.57 -7.66 0.52
CA PRO C 342 33.52 -9.56 3.70
CA ALA C 343 30.34 -9.39 5.63
CA GLN C 344 29.21 -10.72 8.96
CA MET C 345 26.02 -11.44 10.84
CA ALA C 346 26.65 -8.72 13.41
CA VAL C 347 24.52 -10.16 16.18
CA ASP C 348 24.05 -6.83 17.83
CA MET C 349 27.02 -5.15 19.36
CA GLN C 350 28.89 -3.04 16.84
CA THR C 351 30.95 -5.57 14.68
CA LEU C 352 32.12 -7.85 17.49
CA THR C 353 30.69 -11.32 16.80
CA PRO C 354 30.20 -13.19 13.47
CA VAL C 355 26.95 -15.22 13.35
CA GLY C 356 24.73 -17.44 11.18
CA ARG C 357 26.10 -18.85 7.97
CA LEU C 358 26.82 -17.15 4.71
CA ILE C 359 25.53 -19.10 1.72
CA THR C 360 27.72 -17.38 -0.87
CA ALA C 361 31.02 -19.05 0.06
CA ASN C 362 33.26 -16.08 -0.68
CA PRO C 363 32.18 -12.69 -1.90
CA VAL C 364 34.51 -11.04 -4.35
CA ILE C 365 34.51 -7.75 -6.16
CA THR C 366 35.71 -8.66 -9.64
CA GLU C 367 35.32 -5.11 -11.02
CA SER C 368 38.22 -2.82 -11.50
CA THR C 369 36.22 0.37 -12.13
CA GLU C 370 34.11 2.34 -9.65
CA ASN C 371 30.87 0.85 -8.48
CA SER C 372 29.50 -2.54 -9.38
CA LYS C 373 26.87 -4.99 -8.20
CA MET C 374 27.22 -8.17 -6.22
CA MET C 375 24.85 -10.05 -3.90
CA LEU C 376 25.51 -12.29 -0.99
CA GLU C 377 23.06 -14.92 0.01
CA LEU C 378 23.41 -15.24 3.76
CA ASP C 379 21.54 -17.42 6.26
CA PRO C 380 20.75 -14.89 9.04
CA PRO C 381 20.50 -16.58 12.46
CA PHE C 382 16.89 -17.59 13.41
CA GLY C 383 16.66 -14.29 15.40
CA ASP C 384 17.85 -10.70 14.82
CA SER C 385 21.19 -9.10 13.76
CA TYR C 386 22.62 -6.75 11.23
CA ILE C 387 24.69 -7.14 8.14
CA VAL C 388 28.21 -5.82 8.15
CA ILE C 389 29.76 -5.34 4.74
CA GLY C 390 33.27 -4.06 3.87
CA VAL C 391 35.44 -3.61 6.97
CA GLY C 392 35.32 -2.54 10.61
CA GLU C 393 35.24 1.30 10.99
CA LYS C 394 33.96 2.40 7.58
CA LYS C 395 31.41 -0.41 7.45
CA ILE C 396 27.76 0.15 6.77
CA THR C 397 25.33 -2.17 8.42
CA HIS C 398 21.74 -2.74 7.52
CA HIS C 399 19.46 -3.89 10.29
CA TRP C 400 17.84 -7.19 9.63
CA HIS C 401 15.75 -9.87 11.31
CA ARG C 402 14.56 -13.43 10.70
CA SER C 403 11.44 -14.90 12.25
CA GLY C 404 10.04 -18.36 12.56
CA SER C 405 11.60 -20.82 14.99
CA THR C 406 14.86 -22.71 15.56
CA ILE C 407 12.63 -25.82 15.44
CA GLY C 408 10.59 -24.30 12.61
CA LYS C 409 13.36 -25.55 10.34
CA ALA C 410 12.82 -29.04 11.83
CA PHE C 411 9.28 -28.68 10.55
CA GLU C 412 10.74 -28.02 7.09
CA ALA C 413 13.56 -30.52 6.44
CA THR C 414 10.67 -32.74 7.47
CA VAL C 415 7.85 -31.23 5.31
CA ARG C 416 10.24 -30.70 2.42
CA GLY C 417 11.22 -34.24 3.39
CA ALA C 418 7.82 -35.53 2.26
CA LYS C 419 8.00 -33.90 -1.16
CA ARG C 420 11.65 -34.83 -1.91
CA MET C 421 10.36 -38.21 -0.65
CA ALA C 422 6.82 -38.59 -2.00
CA VAL C 423 7.69 -37.56 -5.57
CA LEU C 424 10.73 -39.78 -6.00
CA GLY C 425 9.88 -42.73 -3.68
CA ASP C 426 13.27 -44.09 -2.56
CA THR C 427 15.21 -42.33 -5.38
CA ALA C 428 14.42 -39.39 -3.08
CA TRP C 429 16.60 -40.22 -0.09
CA ASP C 430 19.36 -39.13 -2.48
CA PHE C 431 19.86 -35.45 -1.67
CA GLY C 432 22.80 -36.00 0.70
CA SER C 433 26.07 -37.77 -0.18
CA VAL C 434 26.45 -41.41 0.82
CA GLY C 435 27.44 -41.34 4.48
CA GLY C 436 28.29 -45.04 4.42
CA ALA C 437 25.80 -47.88 4.41
CA LEU C 438 23.58 -45.75 6.64
CA ASN C 439 22.01 -45.05 3.24
CA SER C 440 21.78 -48.73 2.18
CA LEU C 441 18.46 -47.90 3.78
CA GLY C 442 16.84 -44.52 2.81
CA LYS C 443 17.40 -45.70 -0.76
CA GLY C 444 16.86 -49.37 -0.01
CA ILE C 445 14.28 -49.88 2.71
CA HIS C 446 11.94 -48.17 0.24
CA GLN C 447 12.34 -50.44 -2.78
CA ILE C 448 11.41 -53.10 -0.19
CA PHE C 449 7.92 -51.72 0.46
CA GLY C 450 7.46 -49.08 -2.21
CA ALA C 451 8.16 -51.70 -4.87
CA ALA C 452 5.43 -53.79 -3.10
CA PHE C 453 3.23 -50.74 -2.87
CA LYS C 454 3.75 -50.13 -6.60
CA SER C 455 1.70 -53.26 -7.14
CA LEU C 456 -0.64 -53.14 -4.11
CA PHE C 457 -2.24 -49.69 -4.49
CA GLY C 458 -0.10 -48.51 -7.38
CA GLY C 459 -3.29 -47.76 -9.28
CA MET C 460 -5.13 -45.07 -7.37
CA SER C 461 -6.02 -41.39 -7.51
CA TRP C 462 -6.76 -38.73 -4.99
CA PHE C 463 -10.41 -39.41 -4.06
CA SER C 464 -9.85 -43.09 -4.34
CA GLN C 465 -7.02 -43.70 -1.94
CA ILE C 466 -8.65 -41.71 0.81
CA LEU C 467 -11.75 -43.98 0.95
CA ILE C 468 -9.31 -46.88 0.69
CA GLY C 469 -6.97 -45.12 3.09
CA THR C 470 -9.26 -43.53 5.68
CA LEU C 471 -10.97 -46.89 6.08
CA LEU C 472 -7.45 -48.06 7.00
CA MET C 473 -6.78 -45.14 9.31
CA TRP C 474 -10.06 -46.32 10.90
CA LEU C 475 -9.47 -50.05 10.86
CA GLY C 476 -6.32 -49.38 12.85
CA LEU C 477 -8.27 -47.55 15.54
CA ASN C 478 -10.39 -50.70 15.68
CA THR C 479 -8.24 -53.83 15.37
CA LYS C 480 -9.74 -56.46 17.73
CA ASN C 481 -6.89 -59.02 17.52
CA GLY C 482 -3.28 -58.62 16.34
CA SER C 483 -0.47 -56.25 15.57
CA ILE C 484 -2.56 -55.00 12.67
CA SER C 485 -3.02 -51.83 14.69
CA LEU C 486 0.47 -50.35 14.04
CA MET C 487 0.83 -51.27 10.30
CA CYS C 488 -2.79 -50.47 9.67
CA LEU C 489 -3.28 -46.83 10.81
CA ALA C 490 0.19 -46.36 9.32
CA LEU C 491 -0.31 -47.76 5.84
CA GLY C 492 -3.57 -45.86 5.95
CA GLY C 493 -2.38 -42.44 7.02
CA VAL C 494 0.71 -42.50 4.83
CA LEU C 495 -1.39 -43.10 1.72
CA ILE C 496 -3.69 -40.29 2.43
CA PHE C 497 -0.56 -38.30 3.25
CA LEU C 498 1.19 -39.11 -0.04
CA SER C 499 -1.74 -37.51 -1.85
CA THR C 500 -1.96 -34.58 0.69
CA ALA C 501 1.62 -33.44 -0.14
CA VAL C 502 2.90 -32.66 -3.63
CA SER C 503 0.38 -31.01 -6.08
CA ALA C 504 -2.23 -31.59 -3.29
CA ALA D 1 -14.21 -32.50 -14.67
CA VAL D 2 -16.32 -31.63 -17.67
CA THR D 3 -18.12 -34.78 -16.52
CA LEU D 4 -21.20 -34.28 -18.80
CA PRO D 5 -23.12 -36.48 -16.34
CA SER D 6 -25.32 -39.46 -16.15
CA HIS D 7 -28.28 -39.72 -18.48
CA SER D 8 -28.16 -43.45 -17.83
CA THR D 9 -29.94 -42.36 -14.67
CA ARG D 10 -33.20 -41.43 -16.32
CA LYS D 11 -33.86 -43.65 -19.30
CA LEU D 12 -37.02 -42.67 -21.14
CA GLN D 13 -38.22 -46.31 -20.93
CA THR D 14 -40.15 -47.16 -24.09
CA ARG D 15 -40.20 -49.22 -27.21
CA SER D 16 -37.46 -47.71 -29.39
CA GLN D 17 -34.23 -48.80 -27.64
CA THR D 18 -32.54 -45.82 -26.17
CA TRP D 19 -29.43 -43.97 -27.34
CA LEU D 20 -26.19 -45.86 -27.59
CA GLU D 21 -28.13 -48.41 -25.48
CA SER D 22 -26.82 -51.58 -27.18
CA ARG D 23 -23.56 -50.49 -25.56
CA GLU D 24 -24.39 -49.40 -22.00
CA TYR D 25 -25.45 -52.85 -21.14
CA THR D 26 -21.75 -53.83 -20.74
CA LYS D 27 -19.76 -50.53 -20.73
CA HIS D 28 -19.93 -49.80 -16.97
CA LEU D 29 -18.79 -53.34 -16.61
CA ILE D 30 -15.79 -53.00 -18.94
CA ARG D 31 -14.31 -49.89 -17.24
CA VAL D 32 -14.19 -52.07 -14.07
CA GLU D 33 -12.24 -54.75 -15.89
CA ASN D 34 -9.51 -52.91 -17.75
CA TRP D 35 -8.87 -51.64 -14.25
CA ILE D 36 -8.24 -54.78 -12.11
CA PHE D 37 -6.41 -56.39 -14.99
CA ARG D 38 -3.82 -53.58 -14.68
CA ASN D 39 -3.26 -53.28 -10.93
CA PRO D 40 -4.26 -56.70 -9.58
CA GLY D 41 -2.18 -56.03 -6.48
CA PHE D 42 -5.39 -54.53 -5.25
CA ALA D 43 -5.77 -58.14 -4.20
CA LEU D 44 -4.11 -58.75 -0.83
CA ALA D 45 -5.16 -55.13 -0.26
CA ALA D 46 -8.80 -55.52 -1.36
CA ALA D 47 -9.64 -59.03 -0.07
CA ALA D 48 -7.72 -57.90 3.06
CA ILE D 49 -10.01 -55.19 4.42
CA ALA D 50 -12.77 -57.78 3.95
CA TRP D 51 -11.83 -60.18 6.77
CA LEU D 52 -11.23 -56.91 8.62
CA LEU D 53 -14.92 -56.09 8.72
CA GLY D 54 -17.89 -57.99 10.17
CA SER D 55 -16.20 -61.38 9.71
CA SER D 56 -19.46 -63.10 8.70
CA THR D 57 -19.19 -65.90 6.13
CA SER D 58 -21.15 -63.75 3.66
CA GLN D 59 -19.55 -60.47 4.86
CA LYS D 60 -16.30 -60.35 2.95
CA VAL D 61 -18.12 -61.81 -0.03
CA ILE D 62 -20.12 -58.56 -0.07
CA TYR D 63 -17.53 -56.33 1.59
CA LEU D 64 -14.69 -57.30 -0.68
CA VAL D 65 -16.92 -56.45 -3.66
CA MET D 66 -18.25 -53.36 -1.93
CA ILE D 67 -14.79 -51.84 -2.46
CA LEU D 68 -13.52 -53.89 -5.40
CA LEU D 69 -16.21 -52.15 -7.44
CA ILE D 70 -15.66 -48.70 -5.86
CA ALA D 71 -11.93 -48.95 -6.47
CA PRO D 72 -12.53 -48.12 -10.13
CA ALA D 73 -15.07 -45.41 -10.93
CA TYR D 74 -12.82 -43.33 -8.72
CA SER D 75 -9.58 -44.98 -9.75
CA ALA E 1 -23.13 -3.95 4.66
CA VAL E 2 -23.72 -7.41 6.19
CA THR E 3 -21.05 -8.72 8.53
CA LEU E 4 -18.46 -6.19 9.64
CA PRO E 5 -15.46 -7.72 11.31
CA SER E 6 -13.88 -6.02 14.30
CA HIS E 7 -10.38 -4.57 14.13
CA SER E 8 -11.08 -4.82 17.90
CA THR E 9 -10.33 -8.51 17.93
CA ARG E 10 -6.89 -7.65 16.70
CA LYS E 11 -5.98 -4.26 18.11
CA LEU E 12 -2.36 -3.06 18.40
CA GLN E 13 -0.96 -2.82 21.86
CA THR E 14 0.82 0.52 22.15
CA ARG E 15 1.12 3.19 24.81
CA SER E 16 -0.94 5.57 22.67
CA GLN E 17 -4.66 4.99 22.96
CA THR E 18 -6.65 2.81 20.53
CA TRP E 19 -9.05 4.35 17.96
CA LEU E 20 -11.85 4.55 20.42
CA GLU E 21 -11.46 2.47 23.54
CA SER E 22 -13.71 4.93 25.25
CA ARG E 23 -17.25 4.11 24.25
CA GLU E 24 -15.99 0.59 23.65
CA TYR E 25 -16.55 -1.35 26.91
CA THR E 26 -19.70 0.72 27.65
CA LYS E 27 -21.35 -0.55 24.46
CA HIS E 28 -21.26 -4.28 25.07
CA LEU E 29 -22.73 -3.53 28.49
CA ILE E 30 -25.36 -1.21 26.96
CA ARG E 31 -26.47 -3.90 24.50
CA VAL E 32 -26.38 -7.06 26.66
CA GLU E 33 -28.84 -5.39 29.11
CA ASN E 34 -30.55 -2.92 26.74
CA TRP E 35 -31.61 -6.27 25.35
CA ILE E 36 -32.86 -7.81 28.55
CA PHE E 37 -34.66 -4.50 29.26
CA ARG E 38 -36.71 -5.11 26.11
CA ASN E 39 -37.03 -8.92 25.79
CA PRO E 40 -36.62 -9.52 29.58
CA GLY E 41 -38.95 -12.46 29.46
CA PHE E 42 -36.16 -14.48 27.86
CA ALA E 43 -34.59 -14.15 31.29
CA LEU E 44 -36.89 -16.46 33.30
CA ALA E 45 -37.22 -18.86 30.36
CA ALA E 46 -33.54 -18.72 29.44
CA ALA E 47 -32.98 -19.42 33.15
CA ALA E 48 -34.93 -22.73 33.04
CA ILE E 49 -32.73 -24.24 30.39
CA ALA E 50 -29.72 -23.20 32.49
CA TRP E 51 -31.29 -25.48 35.15
CA LEU E 52 -31.63 -28.46 32.80
CA LEU E 53 -27.87 -29.13 32.69
CA GLY E 54 -25.15 -30.60 34.95
CA SER E 55 -27.10 -28.64 37.58
CA SER E 56 -23.93 -28.35 39.62
CA THR E 57 -24.73 -25.60 42.16
CA SER E 58 -21.62 -24.02 40.63
CA GLN E 59 -22.26 -25.23 37.05
CA LYS E 60 -25.88 -24.37 36.38
CA VAL E 61 -24.21 -21.17 37.56
CA ILE E 62 -22.14 -20.84 34.40
CA TYR E 63 -24.72 -22.15 31.93
CA LEU E 64 -27.19 -19.54 33.08
CA VAL E 65 -24.66 -16.98 31.99
CA MET E 66 -23.68 -18.78 28.76
CA ILE E 67 -27.23 -18.39 27.52
CA LEU E 68 -28.04 -14.83 28.52
CA LEU E 69 -24.61 -13.83 27.18
CA ILE E 70 -25.31 -15.23 23.73
CA ALA E 71 -28.98 -14.36 23.12
CA PRO E 72 -28.25 -10.60 23.24
CA ALA E 73 -25.56 -10.69 20.69
CA TYR E 74 -26.88 -13.22 18.15
CA SER E 75 -24.27 -16.04 18.57
CA ALA F 1 -18.21 -44.44 -27.28
CA VAL F 2 -17.13 -44.84 -23.66
CA THR F 3 -13.54 -43.69 -23.28
CA LEU F 4 -12.83 -45.88 -20.27
CA PRO F 5 -9.18 -44.87 -19.87
CA SER F 6 -8.46 -42.80 -16.74
CA HIS F 7 -4.84 -41.79 -16.83
CA SER F 8 -5.52 -39.76 -13.72
CA THR F 9 -5.24 -43.27 -12.35
CA ARG F 10 -1.72 -43.67 -13.61
CA LYS F 11 -0.36 -40.38 -12.29
CA LEU F 12 3.20 -39.25 -12.86
CA GLN F 13 4.86 -37.56 -9.88
CA THR F 14 6.75 -34.46 -10.79
CA ARG F 15 7.19 -30.83 -10.00
CA SER F 16 4.26 -30.03 -12.23
CA GLN F 17 0.54 -30.10 -12.81
CA THR F 18 -0.57 -33.47 -14.10
CA TRP F 19 -2.39 -31.98 -17.18
CA LEU F 20 -5.93 -31.15 -16.04
CA GLU F 21 -5.29 -31.52 -12.33
CA SER F 22 -6.83 -28.29 -11.16
CA ARG F 23 -10.34 -29.72 -10.82
CA GLU F 24 -9.27 -33.34 -10.54
CA TYR F 25 -9.66 -33.90 -6.83
CA THR F 26 -13.03 -32.16 -6.87
CA LYS F 27 -14.72 -33.75 -9.90
CA HIS F 28 -15.15 -37.28 -8.63
CA LEU F 29 -17.30 -35.65 -5.94
CA ILE F 30 -19.65 -33.14 -7.51
CA ARG F 31 -20.98 -36.08 -9.59
CA VAL F 32 -22.00 -37.90 -6.45
CA GLU F 33 -23.94 -34.74 -5.58
CA ASN F 34 -25.31 -34.19 -9.04
CA TRP F 35 -26.51 -37.77 -8.50
CA ILE F 36 -28.06 -37.89 -5.05
CA PHE F 37 -29.76 -34.40 -5.27
CA ARG F 38 -31.53 -35.51 -8.42
CA ASN F 39 -32.09 -38.95 -6.84
CA PRO F 40 -32.85 -38.10 -3.17
CA GLY F 41 -34.90 -41.26 -3.12
CA PHE F 42 -31.90 -43.58 -2.93
CA ALA F 43 -30.89 -41.66 0.18
CA LEU F 44 -32.87 -43.82 2.66
CA ALA F 45 -32.69 -46.77 0.32
CA ALA F 46 -29.04 -47.52 1.05
CA ALA F 47 -29.78 -46.66 4.68
CA ALA F 48 -31.24 -50.08 5.53
CA ILE F 49 -30.20 -51.87 2.34
CA ALA F 50 -26.92 -51.40 4.17
CA TRP F 51 -28.11 -51.27 7.81
CA LEU F 52 -29.53 -54.71 7.19
CA LEU F 53 -26.55 -57.04 7.22
CA GLY F 54 -24.13 -54.38 8.31
CA SER F 55 -23.70 -56.57 11.38
CA SER F 56 -22.13 -53.73 13.44
CA THR F 57 -22.07 -50.26 14.93
CA SER F 58 -19.77 -48.66 12.45
CA GLN F 59 -19.98 -51.29 9.74
CA LYS F 60 -23.42 -49.92 8.99
CA VAL F 61 -21.68 -46.79 7.72
CA ILE F 62 -18.78 -48.43 5.87
CA TYR F 63 -21.64 -49.99 3.92
CA LEU F 64 -24.16 -47.18 3.75
CA VAL F 65 -21.20 -45.18 2.48
CA MET F 66 -19.43 -47.78 0.33
CA ILE F 67 -22.82 -48.21 -1.38
CA LEU F 68 -23.54 -44.56 -1.88
CA LEU F 69 -20.24 -44.74 -3.71
CA ILE F 70 -21.35 -47.28 -6.31
CA ALA F 71 -24.73 -45.92 -7.28
CA PRO F 72 -23.25 -42.59 -8.19
CA ALA F 73 -20.71 -44.16 -10.49
CA TYR F 74 -21.46 -47.69 -11.60
CA SER F 75 -24.99 -46.85 -12.41
CA GLN G 1 36.24 62.23 53.14
CA VAL G 2 34.80 60.00 50.34
CA GLN G 3 33.22 61.81 47.40
CA LEU G 4 32.60 61.41 43.68
CA VAL G 5 32.98 64.54 41.55
CA GLN G 6 31.57 64.61 38.03
CA SER G 7 32.24 66.88 35.04
CA GLY G 8 30.25 70.02 34.12
CA ALA G 9 26.98 70.29 32.18
CA GLU G 10 26.96 69.35 28.47
CA VAL G 11 25.03 70.44 25.37
CA LYS G 12 24.90 68.12 22.37
CA LYS G 13 23.12 67.88 19.02
CA PRO G 14 21.04 64.73 18.21
CA GLY G 15 23.28 61.98 16.72
CA ALA G 16 26.36 63.35 18.53
CA SER G 17 28.09 61.76 21.54
CA VAL G 18 28.77 62.93 25.13
CA LYS G 19 31.39 61.74 27.61
CA VAL G 20 30.90 62.29 31.37
CA SER G 21 33.76 61.83 33.88
CA CYS G 22 33.53 60.81 37.55
CA LYS G 23 36.61 61.41 39.71
CA ALA G 24 36.78 59.33 42.91
CA SER G 25 38.52 60.43 46.10
CA GLY G 26 38.86 59.25 49.72
CA TYR G 27 38.91 55.50 49.12
CA THR G 28 40.55 52.72 47.08
CA PHE G 29 39.11 53.24 43.54
CA THR G 30 39.64 49.61 42.39
CA GLY G 31 37.88 48.39 45.59
CA TYR G 32 34.30 49.34 44.50
CA TYR G 33 32.20 48.92 41.29
CA MET G 34 31.23 52.18 39.54
CA HIS G 35 27.64 52.37 38.25
CA TRP G 36 25.98 55.02 36.12
CA VAL G 37 22.37 56.02 36.80
CA ARG G 38 20.43 58.67 34.89
CA GLN G 39 17.34 60.70 35.73
CA ALA G 40 15.20 62.61 33.19
CA PRO G 41 13.68 65.95 34.53
CA GLY G 42 10.77 65.12 36.94
CA GLN G 43 11.26 61.36 36.38
CA GLY G 44 12.65 58.30 38.20
CA LEU G 45 16.11 56.74 38.39
CA GLU G 46 17.30 54.52 35.51
CA TRP G 47 20.34 52.20 35.89
CA MET G 48 22.63 52.19 32.82
CA GLY G 49 25.35 49.72 33.81
CA ARG G 50 28.54 49.26 35.80
CA ILE G 51 32.27 48.98 35.30
CA ASN G 52 34.68 47.06 37.57
CA PRO G 53 37.57 49.63 38.00
CA ASN G 54 40.12 46.92 38.81
CA SER G 55 39.55 44.56 35.83
CA GLY G 56 37.89 46.98 33.35
CA GLY G 57 35.00 44.51 32.87
CA THR G 58 31.58 46.04 32.19
CA ASN G 59 27.90 45.17 32.35
CA TYR G 60 25.62 47.50 30.34
CA ALA G 61 21.85 47.64 30.70
CA GLN G 62 20.01 46.17 27.64
CA LYS G 63 18.53 49.56 26.67
CA PHE G 64 21.99 51.15 26.14
CA GLU G 65 24.00 48.23 24.66
CA GLY G 66 25.89 49.25 21.45
CA ARG G 67 25.36 52.92 22.48
CA VAL G 68 27.12 53.15 25.87
CA THR G 69 30.83 52.75 26.65
CA MET G 70 32.14 52.77 30.24
CA THR G 71 35.91 53.10 30.79
CA ARG G 72 38.22 54.13 33.62
CA ASP G 73 41.60 55.60 34.30
CA THR G 74 43.10 53.99 37.45
CA SER G 75 46.07 56.45 37.72
CA ILE G 76 43.75 59.43 38.34
CA SER G 77 40.90 57.38 39.90
CA THR G 78 38.37 58.49 37.25
CA ALA G 79 35.53 56.57 35.66
CA TYR G 80 34.09 57.64 32.28
CA MET G 81 30.74 57.08 30.60
CA GLU G 82 30.26 57.81 26.90
CA LEU G 83 26.81 57.80 25.23
CA SER G 84 26.74 57.89 21.44
CA ARG G 85 24.00 58.66 18.89
CA LEU G 86 22.16 60.91 21.33
CA ARG G 87 18.44 61.60 21.03
CA SER G 88 16.30 64.25 22.78
CA ASP G 89 15.03 61.68 25.37
CA ASP G 90 18.65 61.13 26.49
CA THR G 91 18.25 64.61 28.13
CA ALA G 92 18.83 63.80 31.78
CA VAL G 93 21.03 64.20 34.86
CA TYR G 94 23.66 61.44 34.75
CA TYR G 95 24.98 60.29 38.16
CA CYS G 96 27.93 58.03 38.94
CA ALA G 97 27.55 55.82 42.03
CA ARG G 98 29.78 53.19 43.66
CA THR G 99 28.94 49.76 45.15
CA GLY G 100 31.15 47.52 47.28
CA ILE G 101 33.04 44.61 45.73
CA ALA G 102 35.99 44.00 48.11
CA ALA G 103 33.95 44.23 51.32
CA ALA G 104 30.85 42.58 49.73
CA GLY G 105 28.64 45.71 49.30
CA PHE G 106 25.32 45.27 47.49
CA VAL G 107 23.89 48.85 47.40
CA PHE G 108 24.83 52.25 45.93
CA ASP G 109 26.27 53.88 49.09
CA TYR G 110 27.99 56.97 47.56
CA TRP G 111 26.74 59.01 44.59
CA GLY G 112 28.27 61.85 42.54
CA GLN G 113 26.61 65.25 42.32
CA GLY G 114 25.21 64.51 38.85
CA THR G 115 25.92 65.90 35.38
CA LEU G 116 23.14 67.55 33.39
CA VAL G 117 23.21 66.56 29.70
CA THR G 118 20.82 68.27 27.25
CA VAL G 119 20.31 66.86 23.77
CA SER G 120 18.72 69.35 21.36
CA SER G 121 19.12 70.83 17.87
CA ALA G 122 18.56 74.27 19.46
CA SER G 123 21.35 76.84 19.64
CA THR G 124 23.16 77.58 22.90
CA LYS G 125 22.11 81.02 24.10
CA GLY G 126 23.02 83.22 27.10
CA PRO G 127 20.27 84.75 29.26
CA SER G 128 19.04 88.28 29.42
CA VAL G 129 18.90 89.31 33.11
CA PHE G 130 16.22 91.83 34.19
CA PRO G 131 15.72 93.22 37.76
CA LEU G 132 12.52 92.55 39.73
CA ALA G 133 12.44 95.94 41.47
CA PRO G 134 11.19 96.16 45.12
CA SER G 135 8.28 98.56 45.73
CA SER G 136 5.26 99.13 48.02
CA LYS G 137 3.56 96.34 46.03
CA SER G 138 6.29 93.93 47.20
CA THR G 139 6.33 94.86 50.97
CA SER G 140 4.66 93.13 53.91
CA GLY G 141 4.94 94.10 57.64
CA GLY G 142 8.63 95.16 57.53
CA THR G 143 9.90 92.78 54.82
CA ALA G 144 10.32 93.52 51.08
CA ALA G 145 10.72 91.15 48.09
CA LEU G 146 13.08 91.73 45.16
CA GLY G 147 14.73 89.52 42.59
CA CYS G 148 16.02 88.82 39.11
CA LEU G 149 14.38 87.44 35.98
CA VAL G 150 16.83 85.20 34.06
CA LYS G 151 15.11 85.01 30.71
CA ASP G 152 15.51 83.48 27.26
CA TYR G 153 18.44 81.05 27.67
CA PHE G 154 19.40 77.61 26.48
CA PRO G 155 20.15 75.01 27.78
CA GLU G 156 19.80 74.39 31.49
CA PRO G 157 21.49 75.17 33.94
CA VAL G 158 22.15 78.66 35.18
CA THR G 159 23.57 79.41 38.61
CA VAL G 160 22.13 82.33 40.52
CA SER G 161 23.76 83.95 43.61
CA TRP G 162 23.13 87.23 45.48
CA ASN G 163 25.84 89.78 46.37
CA SER G 164 28.63 87.42 45.21
CA GLY G 165 27.35 84.69 47.58
CA ALA G 166 27.15 86.95 50.68
CA LEU G 167 23.34 86.86 50.74
CA THR G 168 21.91 83.31 51.12
CA SER G 169 19.04 83.49 53.67
CA GLY G 170 15.52 84.20 52.37
CA VAL G 171 16.44 83.29 48.75
CA HIS G 172 14.02 81.34 46.53
CA THR G 173 15.39 80.33 43.11
CA PHE G 174 12.50 78.79 41.18
CA PRO G 175 12.63 75.82 38.72
CA ALA G 176 13.07 77.01 35.12
CA VAL G 177 10.07 76.80 32.79
CA LEU G 178 10.40 76.02 29.11
CA GLN G 179 8.70 78.73 27.04
CA SER G 180 6.88 78.31 23.69
CA SER G 181 9.99 79.86 22.06
CA GLY G 182 12.01 76.76 23.20
CA LEU G 183 14.07 78.88 25.58
CA TYR G 184 14.19 78.54 29.39
CA SER G 185 13.14 81.27 31.82
CA LEU G 186 13.74 81.37 35.57
CA SER G 187 13.25 83.79 38.49
CA SER G 188 15.26 84.16 41.71
CA VAL G 189 13.75 86.20 44.55
CA VAL G 190 14.95 87.33 47.96
CA THR G 191 12.89 88.56 50.97
CA VAL G 192 14.83 91.28 52.88
CA PRO G 193 13.92 93.85 55.63
CA SER G 194 12.27 96.95 54.03
CA SER G 195 14.27 99.32 56.32
CA SER G 196 17.55 98.37 54.52
CA LEU G 197 16.19 99.08 51.01
CA GLY G 198 17.80 102.57 51.00
CA THR G 199 21.04 101.57 52.77
CA GLN G 200 21.91 98.22 51.15
CA THR G 201 22.86 97.25 47.58
CA TYR G 202 21.49 94.04 46.06
CA ILE G 203 23.13 92.52 42.98
CA CYS G 204 22.28 89.23 41.45
CA ASN G 205 25.13 87.25 39.88
CA VAL G 206 24.04 84.95 37.01
CA ASN G 207 26.45 82.43 35.48
CA HIS G 208 25.41 80.47 32.37
CA LYS G 209 28.54 78.37 31.70
CA PRO G 210 27.32 76.54 28.50
CA SER G 211 27.47 79.92 26.61
CA ASN G 212 30.24 81.46 28.80
CA THR G 213 27.78 84.19 29.89
CA LYS G 214 28.33 85.90 33.23
CA VAL G 215 26.02 88.80 34.11
CA ASP G 216 25.87 90.91 37.25
CA LYS G 217 22.64 92.93 37.62
CA ARG G 218 22.02 95.64 40.22
CA VAL G 219 18.45 95.55 41.59
CA GLU G 220 17.26 99.03 42.59
CA PRO G 221 13.86 100.24 43.96
CA ASP H 1 8.13 48.91 31.43
CA ILE H 2 7.69 49.03 35.25
CA VAL H 3 5.82 52.17 36.35
CA MET H 4 6.67 53.37 39.88
CA THR H 5 4.27 55.85 41.55
CA GLN H 6 4.83 57.38 44.97
CA SER H 7 1.81 58.76 46.82
CA PRO H 8 1.46 61.33 48.33
CA ALA H 9 3.75 63.54 46.17
CA THR H 10 4.23 65.97 49.10
CA LEU H 11 3.96 64.89 52.74
CA SER H 12 3.39 67.33 55.63
CA VAL H 13 4.59 65.87 58.95
CA SER H 14 5.62 67.37 62.35
CA PRO H 15 9.13 66.68 63.92
CA GLY H 16 8.34 63.36 65.73
CA GLU H 17 4.87 62.77 64.27
CA ARG H 18 6.01 59.54 62.58
CA ALA H 19 6.24 60.07 58.78
CA THR H 20 5.14 57.13 56.56
CA LEU H 21 5.79 57.03 52.79
CA SER H 22 4.38 54.72 50.07
CA CYS H 23 5.78 53.43 46.78
CA ARG H 24 3.63 51.34 44.42
CA ALA H 25 4.60 49.49 41.25
CA SER H 26 2.49 48.47 38.20
CA GLN H 27 3.77 44.87 38.42
CA SER H 28 5.44 42.81 41.14
CA VAL H 29 9.12 43.67 41.71
CA ILE H 30 9.18 41.02 44.53
CA SER H 31 11.50 41.95 47.46
CA ASN H 32 13.95 43.93 45.29
CA LEU H 33 13.23 47.56 46.11
CA ALA H 34 15.49 50.37 47.39
CA TRP H 35 14.85 53.74 49.08
CA TYR H 36 17.10 56.80 48.61
CA GLN H 37 17.22 60.12 50.49
CA GLN H 38 18.27 63.24 48.63
CA LYS H 39 18.76 66.36 50.73
CA PRO H 40 18.55 69.63 48.66
CA GLY H 41 21.90 70.58 47.00
CA GLN H 42 23.37 67.10 47.54
CA ALA H 43 23.60 63.65 45.97
CA PRO H 44 21.22 60.81 47.06
CA ARG H 45 22.12 58.75 50.13
CA LEU H 46 21.20 55.04 50.08
CA LEU H 47 18.79 54.19 52.93
CA ILE H 48 17.04 50.82 52.42
CA TYR H 49 17.75 47.99 50.00
CA GLY H 50 15.84 44.69 49.57
CA ALA H 51 12.76 46.54 50.92
CA SER H 52 13.64 45.65 54.58
CA THR H 53 17.45 45.65 55.22
CA ARG H 54 19.04 49.07 55.67
CA ALA H 55 22.39 50.32 54.42
CA THR H 56 25.63 50.91 56.35
CA GLY H 57 25.77 54.03 58.56
CA ILE H 58 21.99 54.48 58.43
CA PRO H 59 20.20 55.31 61.77
CA ALA H 60 17.45 52.93 62.96
CA ARG H 61 14.55 55.43 62.71
CA PHE H 62 14.33 54.40 59.02
CA SER H 63 12.44 51.12 58.54
CA GLY H 64 11.44 49.61 55.15
CA SER H 65 8.57 47.17 54.68
CA GLY H 66 6.41 45.45 52.02
CA SER H 67 6.69 43.07 49.08
CA GLY H 68 5.15 42.67 45.62
CA THR H 69 3.27 45.72 44.29
CA GLU H 70 2.99 47.82 47.50
CA PHE H 71 5.89 48.94 49.73
CA THR H 72 6.32 51.39 52.58
CA LEU H 73 8.95 53.51 54.34
CA THR H 74 8.65 54.44 58.06
CA ILE H 75 10.51 57.09 60.08
CA SER H 76 9.71 56.72 63.84
CA SER H 77 10.91 60.07 65.22
CA LEU H 78 11.75 62.78 62.67
CA GLN H 79 14.81 64.99 62.94
CA SER H 80 16.47 68.12 61.49
CA GLU H 81 18.05 66.35 58.51
CA ASP H 82 15.07 64.13 57.75
CA PHE H 83 13.13 66.83 55.82
CA ALA H 84 14.05 66.04 52.20
CA VAL H 85 13.13 64.10 49.03
CA TYR H 86 12.72 60.30 49.06
CA TYR H 87 12.83 58.12 45.94
CA CYS H 88 12.07 54.44 45.51
CA GLN H 89 13.92 52.24 42.96
CA GLN H 90 12.72 48.84 41.71
CA TYR H 91 15.13 46.21 40.38
CA ASN H 92 13.39 43.14 38.99
CA ASN H 93 13.00 44.03 35.27
CA TRP H 94 14.71 47.39 34.60
CA TRP H 95 16.53 50.42 36.05
CA THR H 96 13.59 52.83 36.88
CA PHE H 97 12.96 55.42 39.53
CA GLY H 98 9.85 56.84 41.17
CA GLN H 99 9.03 60.57 40.92
CA GLY H 100 9.72 61.08 44.62
CA THR H 101 7.99 62.24 47.74
CA LYS H 102 8.90 65.59 49.34
CA VAL H 103 8.59 65.84 53.15
CA GLU H 104 8.23 69.29 54.74
CA ILE H 105 7.61 70.73 58.24
CA LYS H 106 3.95 70.55 59.30
CA ARG H 107 2.46 73.77 60.61
CA THR H 108 -0.81 75.77 60.58
CA VAL H 109 -2.52 76.34 57.20
CA ALA H 110 -1.28 79.64 55.76
CA ALA H 111 -3.00 81.54 52.98
CA PRO H 112 -0.64 83.60 50.71
CA SER H 113 -0.77 87.33 50.23
CA VAL H 114 -1.21 87.94 46.48
CA PHE H 115 0.62 90.94 44.97
CA ILE H 116 1.10 91.89 41.28
CA PHE H 117 3.59 94.27 39.65
CA PRO H 118 3.32 95.86 36.13
CA PRO H 119 6.56 96.09 34.04
CA SER H 120 8.84 99.11 34.56
CA ASP H 121 8.83 101.97 31.98
CA GLU H 122 12.62 101.71 32.32
CA GLN H 123 12.38 98.08 31.13
CA LEU H 124 9.84 98.93 28.35
CA LYS H 125 12.51 101.04 26.63
CA SER H 126 14.67 97.84 26.27
CA GLY H 127 11.93 96.26 24.09
CA THR H 128 10.76 93.65 26.67
CA ALA H 129 8.10 93.68 29.39
CA SER H 130 8.00 91.47 32.53
CA VAL H 131 4.75 91.11 34.51
CA VAL H 132 5.38 89.66 38.00
CA CYS H 133 2.89 87.89 40.30
CA LEU H 134 4.00 87.18 43.89
CA LEU H 135 2.51 84.82 46.47
CA ASN H 136 3.99 85.62 49.88
CA ASN H 137 4.00 83.39 53.00
CA PHE H 138 1.91 80.24 52.33
CA TYR H 139 1.63 76.66 53.52
CA PRO H 140 1.78 73.96 52.18
CA ARG H 141 3.96 74.49 49.08
CA GLU H 142 1.19 73.08 46.81
CA ALA H 143 -0.40 75.93 44.84
CA LYS H 144 -1.36 76.83 41.26
CA VAL H 145 -1.07 80.06 39.32
CA GLN H 146 -3.10 81.04 36.18
CA TRP H 147 -2.11 83.93 33.87
CA LYS H 148 -4.83 85.83 32.00
CA VAL H 149 -4.28 88.86 29.67
CA ASP H 150 -7.43 90.56 28.18
CA ASN H 151 -9.45 87.67 29.72
CA ALA H 152 -7.31 85.14 27.77
CA LEU H 153 -5.28 82.25 29.23
CA GLN H 154 -1.51 82.26 28.73
CA SER H 155 0.46 79.12 27.84
CA GLY H 156 4.29 78.78 27.74
CA ASN H 157 5.44 82.34 28.59
CA SER H 158 5.37 81.77 32.39
CA GLN H 159 8.28 81.08 34.72
CA GLU H 160 8.15 80.27 38.44
CA SER H 161 10.60 80.27 41.37
CA VAL H 162 9.97 79.04 44.94
CA THR H 163 11.98 79.64 48.14
CA GLU H 164 12.67 76.72 50.48
CA GLN H 165 10.89 76.44 53.84
CA ASP H 166 11.55 79.52 55.98
CA SER H 167 14.01 79.25 58.92
CA LYS H 168 11.57 80.91 61.37
CA ASP H 169 7.82 80.62 60.49
CA SER H 170 8.39 77.58 58.17
CA THR H 171 6.46 78.99 55.21
CA TYR H 172 7.01 79.29 51.44
CA SER H 173 7.15 82.24 48.99
CA LEU H 174 6.66 81.96 45.21
CA SER H 175 7.19 84.32 42.27
CA SER H 176 5.58 83.83 38.83
CA THR H 177 6.86 86.06 35.97
CA LEU H 178 5.18 86.29 32.56
CA THR H 179 7.25 87.98 29.85
CA LEU H 180 6.11 89.70 26.64
CA SER H 181 7.60 91.96 23.97
CA LYS H 182 6.91 95.68 24.60
CA ALA H 183 4.69 95.82 21.47
CA ASP H 184 2.63 92.75 22.52
CA TYR H 185 2.38 94.28 26.02
CA GLU H 186 0.92 97.51 24.50
CA LYS H 187 -1.61 95.48 22.44
CA HIS H 188 -3.63 94.35 25.49
CA LYS H 189 -5.33 96.12 28.41
CA VAL H 190 -6.04 93.94 31.48
CA TYR H 191 -3.30 91.68 32.89
CA ALA H 192 -4.25 89.35 35.68
CA CYS H 193 -3.03 86.46 37.70
CA GLU H 194 -5.37 84.06 39.59
CA VAL H 195 -4.34 81.81 42.50
CA THR H 196 -5.68 78.57 43.98
CA HIS H 197 -4.02 77.66 47.29
CA GLN H 198 -6.53 78.34 50.11
CA GLY H 199 -8.21 81.51 51.44
CA LEU H 200 -12.00 81.51 51.03
CA SER H 201 -11.09 78.28 49.20
CA SER H 202 -10.16 79.88 45.84
CA PRO H 203 -9.91 81.88 43.43
CA VAL H 204 -8.58 85.27 44.63
CA THR H 205 -7.26 87.23 41.60
CA LYS H 206 -5.15 90.32 41.11
CA SER H 207 -5.44 92.41 37.96
CA PHE H 208 -4.24 95.74 36.55
CA ASN H 209 -5.47 97.72 33.52
CA ARG H 210 -2.49 98.90 31.43
CA GLY H 211 -1.97 102.68 31.91
CA GLN I 1 49.08 27.09 -0.78
CA VAL I 2 47.55 24.25 -2.87
CA GLN I 3 46.50 25.14 -6.40
CA LEU I 4 46.12 23.61 -9.85
CA VAL I 5 47.14 25.79 -12.81
CA GLN I 6 46.03 24.85 -16.31
CA SER I 7 47.29 25.90 -19.77
CA GLY I 8 45.87 28.76 -21.88
CA ALA I 9 42.84 28.74 -24.20
CA GLU I 10 42.98 26.64 -27.38
CA VAL I 11 41.50 26.86 -30.88
CA LYS I 12 41.25 23.70 -32.99
CA LYS I 13 39.72 22.58 -36.27
CA PRO I 14 37.27 19.60 -36.29
CA GLY I 15 39.17 16.28 -36.53
CA ALA I 16 42.27 17.80 -34.89
CA SER I 17 43.49 17.10 -31.33
CA VAL I 18 44.06 19.31 -28.25
CA LYS I 19 46.25 18.71 -25.21
CA VAL I 20 45.56 20.55 -21.92
CA SER I 21 48.10 20.61 -19.05
CA CYS I 22 47.42 20.88 -15.30
CA LYS I 23 50.39 21.81 -13.09
CA ALA I 24 49.99 20.92 -9.40
CA SER I 25 51.61 22.79 -6.53
CA GLY I 26 51.48 22.85 -2.71
CA TYR I 27 51.00 19.14 -2.08
CA THR I 28 52.35 15.67 -2.91
CA PHE I 29 51.30 15.14 -6.57
CA THR I 30 51.36 11.31 -6.43
CA GLY I 31 49.19 11.43 -3.27
CA TYR I 32 45.89 12.38 -5.04
CA TYR I 33 44.02 11.17 -8.17
CA MET I 34 43.70 13.75 -10.98
CA HIS I 35 40.29 13.92 -12.69
CA TRP I 36 39.22 15.89 -15.76
CA VAL I 37 35.77 17.49 -15.88
CA ARG I 38 34.41 19.55 -18.77
CA GLN I 39 31.61 22.09 -19.01
CA ALA I 40 30.00 23.29 -22.26
CA PRO I 41 28.90 27.03 -22.26
CA GLY I 42 25.72 27.40 -20.11
CA GLN I 43 25.67 23.65 -19.37
CA GLY I 44 26.42 21.22 -16.50
CA LEU I 45 29.58 19.42 -15.40
CA GLU I 46 30.65 16.25 -17.26
CA TRP I 47 33.26 13.83 -15.78
CA MET I 48 35.76 12.54 -18.37
CA GLY I 49 37.99 10.24 -16.32
CA ARG I 50 40.89 10.09 -13.91
CA ILE I 51 44.57 9.22 -13.81
CA ASN I 52 46.46 7.90 -10.77
CA PRO I 53 49.66 10.10 -10.82
CA ASN I 54 51.70 7.53 -8.89
CA SER I 55 51.03 4.40 -11.00
CA GLY I 56 49.96 6.05 -14.31
CA GLY I 57 46.78 3.92 -14.34
CA THR I 58 43.69 5.53 -15.89
CA ASN I 59 39.92 5.20 -15.92
CA TYR I 60 38.18 6.98 -18.83
CA ALA I 61 34.47 7.67 -19.01
CA GLN I 62 32.68 5.50 -21.65
CA LYS I 63 31.81 8.52 -23.83
CA PHE I 64 35.50 9.42 -24.41
CA GLU I 65 37.15 5.95 -24.62
CA GLY I 66 39.41 5.63 -27.72
CA ARG I 67 39.37 9.46 -27.98
CA VAL I 68 40.88 10.61 -24.65
CA THR I 69 44.41 10.05 -23.32
CA MET I 70 45.41 11.10 -19.79
CA THR I 71 49.14 11.16 -18.90
CA ARG I 72 51.35 12.78 -16.29
CA ASP I 73 54.85 14.00 -15.69
CA THR I 74 55.84 13.36 -12.03
CA SER I 75 59.11 15.39 -12.20
CA ILE I 76 57.23 18.67 -12.85
CA SER I 77 53.98 17.60 -11.08
CA THR I 78 51.88 18.06 -14.25
CA ALA I 79 48.90 16.05 -15.49
CA TYR I 80 47.92 16.11 -19.18
CA MET I 81 44.67 15.42 -21.00
CA GLU I 82 44.59 14.93 -24.77
CA LEU I 83 41.34 14.77 -26.76
CA SER I 84 41.58 13.60 -30.37
CA ARG I 85 39.20 13.80 -33.35
CA LEU I 86 37.54 16.93 -32.00
CA ARG I 87 34.00 17.93 -32.97
CA SER I 88 32.16 21.23 -32.44
CA ASP I 89 30.31 19.84 -29.34
CA ASP I 90 33.70 19.27 -27.67
CA THR I 91 33.70 23.13 -27.28
CA ALA I 92 33.88 23.51 -23.52
CA VAL I 93 35.85 24.65 -20.48
CA TYR I 94 38.03 21.71 -19.38
CA TYR I 95 38.88 21.61 -15.64
CA CYS I 96 41.38 19.41 -13.81
CA ALA I 97 40.44 18.42 -10.26
CA ARG I 98 42.09 16.25 -7.61
CA THR I 99 40.62 13.62 -5.22
CA GLY I 100 42.29 11.97 -2.24
CA ILE I 101 43.83 8.51 -2.52
CA ALA I 102 46.46 8.38 0.27
CA ALA I 103 44.22 9.91 2.95
CA ALA I 104 41.04 8.20 1.60
CA GLY I 105 39.39 11.25 -0.07
CA PHE I 106 36.19 10.63 -2.05
CA VAL I 107 35.34 14.12 -3.45
CA PHE I 108 36.89 16.70 -5.81
CA ASP I 109 38.30 19.11 -3.17
CA TYR I 110 40.60 21.28 -5.38
CA TRP I 111 39.92 22.35 -8.98
CA GLY I 112 42.00 24.14 -11.61
CA GLN I 113 40.92 27.46 -13.11
CA GLY I 114 39.70 25.77 -16.31
CA THR I 115 40.89 25.84 -19.92
CA LEU I 116 38.56 27.04 -22.66
CA VAL I 117 38.76 24.89 -25.81
CA THR I 118 36.87 25.95 -28.94
CA VAL I 119 36.42 23.52 -31.84
CA SER I 120 35.42 25.24 -35.09
CA SER I 121 36.33 25.42 -38.80
CA ALA I 122 36.18 29.24 -38.46
CA SER I 123 39.31 31.37 -38.77
CA THR I 124 40.94 32.93 -35.71
CA LYS I 125 40.33 36.67 -35.81
CA GLY I 126 41.32 39.63 -33.58
CA PRO I 127 38.67 42.10 -32.38
CA SER I 128 37.98 45.61 -33.50
CA VAL I 129 37.71 47.81 -30.39
CA PHE I 130 35.38 50.83 -30.51
CA PRO I 131 34.81 53.39 -27.66
CA LEU I 132 31.39 53.80 -25.99
CA ALA I 133 31.70 57.55 -25.44
CA PRO I 134 30.21 59.12 -22.24
CA SER I 135 27.65 61.92 -22.78
CA SER I 136 24.59 63.57 -21.20
CA LYS I 137 22.65 60.49 -22.40
CA SER I 138 24.88 58.31 -20.19
CA THR I 139 24.77 60.41 -16.95
CA SER I 140 22.60 59.98 -13.83
CA GLY I 141 22.73 62.08 -10.60
CA GLY I 142 26.54 62.62 -10.58
CA THR I 143 27.66 59.33 -12.21
CA ALA I 144 28.48 58.73 -15.92
CA ALA I 145 28.74 55.48 -17.91
CA LEU I 146 31.38 54.77 -20.56
CA GLY I 147 32.88 51.65 -22.06
CA CYS I 148 34.32 49.69 -24.96
CA LEU I 149 32.75 47.55 -27.66
CA VAL I 150 34.96 44.52 -28.44
CA LYS I 151 33.51 43.43 -31.73
CA ASP I 152 33.94 40.81 -34.44
CA TYR I 153 36.43 38.32 -32.92
CA PHE I 154 36.95 34.60 -32.83
CA PRO I 155 37.19 32.51 -30.69
CA GLU I 156 36.47 33.22 -27.04
CA PRO I 157 38.05 34.55 -24.78
CA VAL I 158 39.12 38.15 -24.65
CA THR I 159 40.36 39.82 -21.48
CA VAL I 160 39.24 43.36 -20.80
CA SER I 161 40.86 45.71 -18.20
CA TRP I 162 40.58 49.48 -17.58
CA ASN I 163 43.57 51.84 -17.20
CA SER I 164 46.05 48.92 -17.19
CA GLY I 165 44.18 47.30 -14.25
CA ALA I 166 44.08 50.46 -12.09
CA LEU I 167 40.31 50.86 -12.47
CA THR I 168 38.33 47.83 -11.17
CA SER I 169 35.33 49.19 -9.19
CA GLY I 170 32.08 49.83 -11.08
CA VAL I 171 33.13 47.67 -14.08
CA HIS I 172 30.62 45.39 -15.84
CA THR I 173 32.10 43.16 -18.57
CA PHE I 174 29.17 41.40 -20.25
CA PRO I 175 29.02 37.78 -21.60
CA ALA I 176 29.94 37.66 -25.31
CA VAL I 177 27.14 37.05 -27.80
CA LEU I 178 27.64 35.04 -30.97
CA GLN I 179 26.54 37.09 -33.99
CA SER I 180 24.94 35.80 -37.25
CA SER I 181 28.38 36.34 -38.87
CA GLY I 182 29.79 33.58 -36.56
CA LEU I 183 31.96 36.12 -34.75
CA TYR I 184 31.73 37.05 -31.04
CA SER I 185 30.91 40.54 -29.75
CA LEU I 186 31.23 41.80 -26.19
CA SER I 187 30.87 45.10 -24.28
CA SER I 188 32.66 46.28 -21.10
CA VAL I 189 31.26 49.31 -19.29
CA VAL I 190 32.34 51.36 -16.29
CA THR I 191 30.26 53.76 -14.11
CA VAL I 192 32.43 56.71 -12.93
CA PRO I 193 31.71 60.14 -11.28
CA SER I 194 30.69 62.70 -13.98
CA SER I 195 32.83 65.44 -12.33
CA SER I 196 36.05 63.56 -13.31
CA LEU I 197 35.11 63.22 -17.01
CA GLY I 198 37.22 66.30 -17.92
CA THR I 199 40.12 65.57 -15.53
CA GLN I 200 40.60 61.80 -15.89
CA THR I 201 41.68 59.58 -18.82
CA TYR I 202 39.96 56.24 -19.40
CA ILE I 203 41.59 53.60 -21.61
CA CYS I 204 40.36 50.11 -22.10
CA ASN I 205 43.00 47.40 -22.59
CA VAL I 206 41.80 44.42 -24.69
CA ASN I 207 43.92 41.26 -25.03
CA HIS I 208 42.83 38.53 -27.46
CA LYS I 209 45.65 35.98 -27.02
CA PRO I 210 44.43 33.33 -29.60
CA SER I 211 45.24 35.85 -32.42
CA ASN I 212 48.04 37.69 -30.51
CA THR I 213 45.94 40.90 -30.67
CA LYS I 214 46.47 43.55 -28.01
CA VAL I 215 44.58 46.82 -28.40
CA ASP I 216 44.48 49.86 -26.14
CA LYS I 217 41.59 52.26 -26.83
CA ARG I 218 41.19 55.73 -25.32
CA VAL I 219 37.54 56.52 -24.45
CA GLU I 220 36.82 60.25 -24.78
CA PRO I 221 33.55 62.24 -24.29
CA ASP J 1 21.09 10.72 -20.45
CA ILE J 2 20.37 12.16 -16.95
CA VAL J 3 18.91 15.68 -17.15
CA MET J 4 19.64 17.88 -14.12
CA THR J 5 17.53 21.03 -13.63
CA GLN J 6 18.05 23.54 -10.82
CA SER J 7 15.14 25.80 -9.92
CA PRO J 8 15.06 28.75 -9.35
CA ALA J 9 17.82 29.83 -11.79
CA THR J 10 18.43 33.02 -9.75
CA LEU J 11 17.71 33.25 -6.03
CA SER J 12 17.30 36.56 -4.17
CA VAL J 13 17.99 36.16 -0.42
CA SER J 14 18.98 38.57 2.42
CA PRO J 15 22.19 38.03 4.55
CA GLY J 16 20.77 35.62 7.22
CA GLU J 17 17.38 35.00 5.58
CA ARG J 18 18.15 31.27 5.18
CA ALA J 19 18.75 30.47 1.47
CA THR J 20 17.39 27.11 0.18
CA LEU J 21 18.32 25.69 -3.26
CA SER J 22 16.78 22.79 -5.25
CA CYS J 23 18.24 20.32 -7.76
CA ARG J 24 15.99 17.85 -9.58
CA ALA J 25 16.92 14.95 -11.85
CA SER J 26 14.92 13.22 -14.66
CA GLN J 27 15.61 9.78 -13.15
CA SER J 28 16.74 8.56 -9.73
CA VAL J 29 20.44 9.12 -9.00
CA ILE J 30 19.88 7.57 -5.50
CA SER J 31 22.07 9.14 -2.75
CA ASN J 32 24.95 9.98 -5.11
CA LEU J 33 24.74 13.74 -5.59
CA ALA J 34 27.28 16.52 -4.99
CA TRP J 35 27.03 20.31 -4.56
CA TYR J 36 29.74 22.76 -5.69
CA GLN J 37 30.22 26.48 -4.98
CA GLN J 38 31.89 28.65 -7.58
CA LYS J 39 32.68 32.21 -6.53
CA PRO J 40 33.14 34.60 -9.55
CA GLY J 41 36.70 34.55 -11.00
CA GLN J 42 37.59 31.30 -9.19
CA ALA J 43 37.42 27.52 -9.54
CA PRO J 44 34.55 25.50 -7.91
CA ARG J 45 34.88 24.49 -4.25
CA LEU J 46 33.41 21.12 -3.25
CA LEU J 47 30.68 21.55 -0.59
CA ILE J 48 28.48 18.44 -0.21
CA TYR J 49 28.95 14.89 -1.51
CA GLY J 50 26.59 11.90 -1.10
CA ALA J 51 23.74 14.43 -0.81
CA SER J 52 24.18 14.73 3.02
CA THR J 53 27.88 14.49 4.11
CA ARG J 54 29.93 17.65 3.64
CA ALA J 55 33.52 18.00 2.49
CA THR J 56 36.65 18.81 4.51
CA GLY J 57 37.08 22.45 5.62
CA ILE J 58 33.44 23.27 4.88
CA PRO J 59 31.54 25.38 7.54
CA ALA J 60 28.37 23.86 9.07
CA ARG J 61 25.91 26.47 7.67
CA PHE J 62 25.84 24.30 4.51
CA SER J 63 23.51 21.29 4.86
CA GLY J 64 22.56 18.87 2.03
CA SER J 65 19.40 16.77 2.01
CA GLY J 66 17.23 14.52 -0.22
CA SER J 67 17.38 11.30 -2.18
CA GLY J 68 16.08 9.95 -5.50
CA THR J 69 14.80 12.58 -7.96
CA GLU J 70 14.58 15.65 -5.64
CA PHE J 71 17.42 17.09 -3.54
CA THR J 72 17.99 20.29 -1.59
CA LEU J 73 20.77 22.54 -0.28
CA THR J 74 20.32 24.69 2.89
CA ILE J 75 22.39 27.62 4.17
CA SER J 76 21.24 28.62 7.72
CA SER J 77 22.83 32.07 8.10
CA LEU J 78 24.29 33.67 4.95
CA GLN J 79 27.60 35.45 4.88
CA SER J 80 29.83 37.71 2.73
CA GLU J 81 31.37 34.88 0.69
CA ASP J 82 28.14 32.89 0.32
CA PHE J 83 26.80 35.01 -2.61
CA ALA J 84 27.88 32.95 -5.64
CA VAL J 85 26.93 30.20 -8.12
CA TYR J 86 25.95 26.70 -6.93
CA TYR J 87 25.96 23.61 -9.15
CA CYS J 88 24.68 20.10 -8.49
CA GLN J 89 26.38 16.99 -9.95
CA GLN J 90 24.78 13.53 -10.19
CA TYR J 91 26.85 10.35 -10.30
CA ASN J 92 24.79 7.21 -10.85
CA ASN J 93 24.84 6.85 -14.68
CA TRP J 94 27.08 9.59 -16.17
CA TRP J 95 29.22 12.68 -15.54
CA THR J 96 26.63 15.55 -15.89
CA PHE J 97 26.19 18.94 -14.31
CA GLY J 98 23.22 21.18 -13.60
CA GLN J 99 23.00 24.67 -15.13
CA GLY J 100 23.45 26.30 -11.73
CA THR J 101 21.68 28.63 -9.39
CA LYS J 102 22.97 32.19 -8.83
CA VAL J 103 22.39 33.73 -5.38
CA GLU J 104 22.44 37.53 -5.02
CA ILE J 105 21.77 40.11 -2.26
CA LYS J 106 18.05 40.73 -1.67
CA ARG J 107 16.96 44.35 -1.65
CA THR J 108 14.06 46.61 -2.72
CA VAL J 109 12.73 46.19 -6.29
CA ALA J 110 14.56 48.67 -8.54
CA ALA J 111 13.37 49.72 -11.98
CA PRO J 112 16.20 50.62 -14.47
CA SER J 113 16.68 53.98 -16.12
CA VAL J 114 16.64 53.35 -19.89
CA PHE J 115 19.01 55.43 -22.04
CA ILE J 116 19.92 55.04 -25.75
CA PHE J 117 22.87 56.43 -27.73
CA PRO J 118 23.13 56.78 -31.58
CA PRO J 119 26.52 55.92 -33.21
CA SER J 120 29.18 58.65 -33.39
CA ASP J 121 29.81 60.46 -36.73
CA GLU J 122 33.48 59.88 -35.85
CA GLN J 123 32.78 56.12 -35.84
CA LEU J 124 30.64 56.29 -39.05
CA LYS J 125 33.72 57.38 -41.01
CA SER J 126 35.39 54.02 -40.04
CA GLY J 127 32.62 52.13 -41.94
CA THR J 128 30.86 50.70 -38.83
CA ALA J 129 28.03 51.93 -36.62
CA SER J 130 27.36 50.92 -32.97
CA VAL J 131 23.94 51.63 -31.40
CA VAL J 132 24.05 51.36 -27.58
CA CYS J 133 21.15 50.76 -25.18
CA LEU J 134 21.85 51.15 -21.45
CA LEU J 135 19.82 49.98 -18.45
CA ASN J 136 21.12 51.69 -15.32
CA ASN J 137 20.56 50.65 -11.67
CA PHE J 138 18.06 47.72 -11.56
CA TYR J 139 17.16 44.79 -9.33
CA PRO J 140 16.99 41.81 -9.72
CA ARG J 141 19.47 41.01 -12.53
CA GLU J 142 16.70 39.26 -14.56
CA ALA J 143 15.73 41.47 -17.51
CA LYS J 144 15.21 41.23 -21.28
CA VAL J 145 16.13 43.56 -24.10
CA GLN J 146 14.54 43.69 -27.62
CA TRP J 147 16.13 45.51 -30.58
CA LYS J 148 13.90 46.98 -33.28
CA VAL J 149 15.08 48.97 -36.37
CA ASP J 150 12.35 50.44 -38.70
CA ASN J 151 9.81 48.49 -36.61
CA ALA J 152 11.69 45.22 -37.34
CA LEU J 153 13.12 42.76 -34.80
CA GLN J 154 16.88 42.17 -34.81
CA SER J 155 18.43 38.70 -34.40
CA GLY J 156 22.14 37.89 -33.90
CA ASN J 157 23.76 41.36 -34.10
CA SER J 158 23.28 42.10 -30.35
CA GLN J 159 25.86 41.90 -27.58
CA GLU J 160 25.32 42.39 -23.83
CA SER J 161 27.50 43.07 -20.78
CA VAL J 162 26.41 43.19 -17.11
CA THR J 163 28.22 44.57 -14.05
CA GLU J 164 28.28 42.54 -10.83
CA GLN J 165 26.22 43.61 -7.80
CA ASP J 166 27.17 47.13 -6.69
CA SER J 167 29.31 47.56 -3.53
CA LYS J 168 26.97 50.22 -2.08
CA ASP J 169 23.29 50.09 -3.27
CA SER J 170 23.58 46.40 -4.41
CA THR J 171 22.13 46.97 -7.87
CA TYR J 172 23.02 45.93 -11.46
CA SER J 173 23.79 47.85 -14.67
CA LEU J 174 23.58 46.41 -18.21
CA SER J 175 24.68 47.57 -21.66
CA SER J 176 23.30 46.15 -24.92
CA THR J 177 25.13 47.13 -28.17
CA LEU J 178 23.77 46.42 -31.65
CA THR J 179 26.30 46.86 -34.49
CA LEU J 180 25.69 47.52 -38.18
CA SER J 181 27.71 48.58 -41.23
CA LYS J 182 27.55 52.35 -41.90
CA ALA J 183 25.63 51.71 -45.16
CA ASP J 184 23.05 49.43 -43.46
CA TYR J 185 22.76 52.05 -40.69
CA GLU J 186 21.93 54.74 -43.34
CA LYS J 187 19.29 52.45 -44.94
CA HIS J 188 16.89 52.65 -41.96
CA LYS J 189 15.26 55.48 -39.99
CA VAL J 190 13.98 54.54 -36.50
CA TYR J 191 16.23 52.58 -34.12
CA ALA J 192 14.70 51.43 -30.88
CA CYS J 193 15.30 49.25 -27.91
CA GLU J 194 12.48 47.91 -25.65
CA VAL J 195 12.92 46.65 -22.08
CA THR J 196 10.99 44.27 -19.81
CA HIS J 197 12.23 44.33 -16.22
CA GLN J 198 9.63 46.20 -14.09
CA GLY J 199 8.37 49.81 -14.06
CA LEU J 200 4.66 50.12 -14.92
CA SER J 201 5.20 46.37 -15.50
CA SER J 202 6.64 46.65 -19.05
CA PRO J 203 7.38 47.69 -21.91
CA VAL J 204 9.11 51.10 -21.71
CA THR J 205 10.95 51.77 -25.00
CA LYS J 206 13.53 54.25 -26.19
CA SER J 207 13.82 55.19 -29.85
CA PHE J 208 15.62 57.70 -32.09
CA ASN J 209 14.94 58.68 -35.71
CA ARG J 210 18.22 58.75 -37.68
CA GLY J 211 19.27 62.38 -38.37
#